data_7YWJ
#
_entry.id   7YWJ
#
_cell.length_a   60.043
_cell.length_b   60.419
_cell.length_c   249.243
_cell.angle_alpha   90.000
_cell.angle_beta   90.000
_cell.angle_gamma   90.000
#
_symmetry.space_group_name_H-M   'P 21 21 21'
#
loop_
_entity.id
_entity.type
_entity.pdbx_description
1 polymer 'Tyrocidine synthase 1'
2 non-polymer 'SULFATE ION'
3 non-polymer 2-[BIS-(2-HYDROXY-ETHYL)-AMINO]-2-HYDROXYMETHYL-PROPANE-1,3-DIOL
4 non-polymer 'CHLORIDE ION'
5 water water
#
_entity_poly.entity_id   1
_entity_poly.type   'polypeptide(L)'
_entity_poly.pdbx_seq_one_letter_code
;HHHHHHSGRSVANQANLIDNKRELEQHALVPYAQGKSIHQLFEEQAEAFPDRVAIVFENRRLSYQELNRKANQLARALLE
KGVQTDSIVGVMMEKSIENVIAILAVLKAGGAYVPIDIEYPRDRIQYILQDSQTKIVLTQKSVSQLVHDVGYSGEVVVLD
EEQLDARETANLHQPSKPTDLAYVIYTSGTTGKPKGTMLEHKGIANLQSFFQNSFGVTEQDRIGLFASMSFAASVSEMFM
ALLSGASLYILSKQTIHDFAAFEHYLSENELTIITLPPTYLTHLTPERITSLRIMITAGSASSAPLVNKWKDKLRYINAY
GPTETSCSATIWEAPSNQLSVQSVPIGKPIQNTHIYIVNEDLQLLPTGSEGELCIGGVGLARGYWNRPDLTAEKFVDNPF
VPGEKMYRTGDLAKWLTDGTIEFLGRI
;
_entity_poly.pdbx_strand_id   A,B
#
loop_
_chem_comp.id
_chem_comp.type
_chem_comp.name
_chem_comp.formula
BTB non-polymer 2-[BIS-(2-HYDROXY-ETHYL)-AMINO]-2-HYDROXYMETHYL-PROPANE-1,3-DIOL 'C8 H19 N O5'
CL non-polymer 'CHLORIDE ION' 'Cl -1'
SO4 non-polymer 'SULFATE ION' 'O4 S -2'
#
# COMPACT_ATOMS: atom_id res chain seq x y z
N ALA A 28 -7.46 35.63 22.31
CA ALA A 28 -7.91 34.30 22.73
C ALA A 28 -8.75 34.40 24.00
N LEU A 29 -9.62 33.40 24.23
CA LEU A 29 -10.46 33.39 25.43
C LEU A 29 -9.53 33.21 26.64
N VAL A 30 -8.69 32.17 26.63
CA VAL A 30 -7.74 31.90 27.71
C VAL A 30 -6.35 32.24 27.19
N PRO A 31 -5.61 33.11 27.88
CA PRO A 31 -4.30 33.52 27.36
C PRO A 31 -3.34 32.37 27.11
N TYR A 32 -2.61 32.52 26.04
CA TYR A 32 -1.52 31.64 25.63
C TYR A 32 -0.55 32.45 24.81
N ALA A 33 0.62 31.89 24.47
CA ALA A 33 1.61 32.60 23.68
C ALA A 33 1.19 32.63 22.22
N GLN A 34 0.24 33.52 21.91
CA GLN A 34 -0.23 33.75 20.56
C GLN A 34 0.89 34.43 19.76
N GLY A 35 0.89 34.20 18.47
CA GLY A 35 1.91 34.77 17.60
C GLY A 35 3.26 34.11 17.73
N LYS A 36 3.36 32.99 18.48
CA LYS A 36 4.63 32.31 18.65
C LYS A 36 4.62 30.92 18.06
N SER A 37 5.73 30.57 17.44
N SER A 37 5.73 30.57 17.43
CA SER A 37 5.91 29.24 16.88
CA SER A 37 5.91 29.24 16.87
C SER A 37 6.47 28.31 17.98
C SER A 37 6.55 28.31 17.91
N ILE A 38 6.41 27.00 17.75
CA ILE A 38 6.95 26.02 18.69
C ILE A 38 8.44 26.24 19.03
N HIS A 39 9.29 26.41 18.00
CA HIS A 39 10.70 26.66 18.22
C HIS A 39 10.99 27.98 18.95
N GLN A 40 10.19 29.02 18.73
CA GLN A 40 10.34 30.27 19.47
C GLN A 40 10.06 30.05 20.97
N LEU A 41 9.04 29.26 21.29
CA LEU A 41 8.72 28.94 22.68
C LEU A 41 9.86 28.14 23.33
N PHE A 42 10.47 27.23 22.56
CA PHE A 42 11.61 26.45 23.02
C PHE A 42 12.82 27.38 23.21
N GLU A 43 13.08 28.27 22.26
CA GLU A 43 14.20 29.22 22.37
C GLU A 43 14.05 30.10 23.62
N GLU A 44 12.81 30.44 23.98
CA GLU A 44 12.57 31.24 25.19
C GLU A 44 13.00 30.43 26.42
N GLN A 45 12.67 29.13 26.46
CA GLN A 45 13.06 28.27 27.57
C GLN A 45 14.57 28.07 27.61
N ALA A 46 15.20 27.92 26.45
CA ALA A 46 16.64 27.75 26.36
C ALA A 46 17.36 29.03 26.86
N GLU A 47 16.75 30.20 26.66
CA GLU A 47 17.32 31.45 27.13
C GLU A 47 17.16 31.58 28.63
N ALA A 48 15.99 31.20 29.15
CA ALA A 48 15.66 31.30 30.56
C ALA A 48 16.34 30.27 31.45
N PHE A 49 16.50 29.05 30.95
CA PHE A 49 17.08 27.95 31.72
C PHE A 49 18.18 27.26 30.91
N PRO A 50 19.24 28.01 30.54
CA PRO A 50 20.27 27.43 29.67
C PRO A 50 20.96 26.19 30.21
N ASP A 51 21.19 26.17 31.52
CA ASP A 51 21.92 25.07 32.14
C ASP A 51 21.06 23.97 32.71
N ARG A 52 19.72 24.09 32.65
CA ARG A 52 18.86 23.02 33.13
C ARG A 52 18.94 21.85 32.16
N VAL A 53 18.76 20.64 32.65
CA VAL A 53 18.73 19.46 31.79
C VAL A 53 17.50 19.52 30.87
N ALA A 54 17.68 19.28 29.56
CA ALA A 54 16.58 19.31 28.62
C ALA A 54 16.17 17.88 28.27
N ILE A 55 17.12 17.00 27.90
CA ILE A 55 16.79 15.65 27.48
C ILE A 55 17.77 14.64 28.02
N VAL A 56 17.27 13.47 28.39
CA VAL A 56 18.10 12.40 28.92
C VAL A 56 17.79 11.14 28.13
N PHE A 57 18.81 10.42 27.68
CA PHE A 57 18.61 9.11 27.06
C PHE A 57 19.72 8.24 27.57
N GLU A 58 19.35 7.27 28.42
CA GLU A 58 20.29 6.33 29.03
C GLU A 58 21.41 7.12 29.78
N ASN A 59 22.70 6.94 29.43
CA ASN A 59 23.77 7.66 30.12
C ASN A 59 24.12 9.04 29.51
N ARG A 60 23.35 9.49 28.51
CA ARG A 60 23.60 10.76 27.85
C ARG A 60 22.56 11.83 28.20
N ARG A 61 22.99 13.08 28.30
CA ARG A 61 22.05 14.18 28.54
C ARG A 61 22.53 15.49 27.98
N LEU A 62 21.58 16.36 27.61
CA LEU A 62 21.91 17.67 27.08
C LEU A 62 21.15 18.71 27.87
N SER A 63 21.80 19.83 28.18
CA SER A 63 21.14 20.97 28.78
C SER A 63 20.32 21.69 27.69
N TYR A 64 19.50 22.69 28.07
CA TYR A 64 18.74 23.47 27.09
C TYR A 64 19.67 24.18 26.12
N GLN A 65 20.75 24.76 26.63
CA GLN A 65 21.71 25.46 25.78
C GLN A 65 22.36 24.51 24.77
N GLU A 66 22.86 23.35 25.22
CA GLU A 66 23.52 22.39 24.33
C GLU A 66 22.55 21.91 23.25
N LEU A 67 21.29 21.62 23.63
CA LEU A 67 20.25 21.18 22.70
C LEU A 67 19.90 22.29 21.69
N ASN A 68 19.71 23.52 22.16
CA ASN A 68 19.37 24.64 21.27
C ASN A 68 20.51 24.89 20.28
N ARG A 69 21.76 24.90 20.75
CA ARG A 69 22.93 25.08 19.90
C ARG A 69 23.04 24.02 18.81
N LYS A 70 22.90 22.74 19.17
CA LYS A 70 22.96 21.64 18.22
C LYS A 70 21.83 21.72 17.21
N ALA A 71 20.61 22.07 17.66
CA ALA A 71 19.48 22.19 16.75
C ALA A 71 19.68 23.35 15.77
N ASN A 72 20.29 24.45 16.23
CA ASN A 72 20.56 25.61 15.38
C ASN A 72 21.60 25.29 14.30
N GLN A 73 22.60 24.47 14.63
CA GLN A 73 23.62 24.08 13.65
C GLN A 73 22.98 23.23 12.56
N LEU A 74 22.18 22.23 12.97
CA LEU A 74 21.49 21.38 12.00
C LEU A 74 20.45 22.17 11.18
N ALA A 75 19.77 23.15 11.81
CA ALA A 75 18.79 23.97 11.10
C ALA A 75 19.47 24.75 9.95
N ARG A 76 20.67 25.27 10.20
CA ARG A 76 21.43 25.99 9.16
C ARG A 76 21.76 25.06 8.00
N ALA A 77 22.13 23.82 8.28
CA ALA A 77 22.42 22.84 7.24
C ALA A 77 21.16 22.50 6.46
N LEU A 78 20.01 22.41 7.14
CA LEU A 78 18.73 22.09 6.49
C LEU A 78 18.27 23.22 5.56
N LEU A 79 18.55 24.47 5.95
CA LEU A 79 18.23 25.63 5.16
C LEU A 79 19.05 25.60 3.85
N GLU A 80 20.32 25.20 3.93
CA GLU A 80 21.18 25.05 2.75
C GLU A 80 20.67 23.99 1.78
N LYS A 81 19.86 23.03 2.26
CA LYS A 81 19.29 21.96 1.45
C LYS A 81 17.89 22.26 0.90
N GLY A 82 17.34 23.43 1.18
CA GLY A 82 16.06 23.83 0.63
C GLY A 82 14.87 23.76 1.55
N VAL A 83 15.09 23.42 2.84
CA VAL A 83 13.97 23.34 3.79
C VAL A 83 13.36 24.72 4.03
N GLN A 84 12.06 24.84 3.84
CA GLN A 84 11.36 26.12 3.96
C GLN A 84 9.92 25.91 4.45
N THR A 85 9.08 26.99 4.50
CA THR A 85 7.69 26.89 4.94
C THR A 85 6.93 25.72 4.28
N ASP A 86 6.26 24.91 5.12
CA ASP A 86 5.46 23.75 4.72
C ASP A 86 6.29 22.65 3.97
N SER A 87 7.66 22.71 3.99
CA SER A 87 8.49 21.62 3.43
C SER A 87 8.26 20.39 4.29
N ILE A 88 7.97 19.24 3.69
CA ILE A 88 7.71 18.04 4.46
C ILE A 88 8.98 17.20 4.59
N VAL A 89 9.62 17.25 5.80
CA VAL A 89 10.88 16.58 6.07
C VAL A 89 10.65 15.23 6.76
N GLY A 90 10.96 14.14 6.07
CA GLY A 90 10.81 12.82 6.66
C GLY A 90 11.89 12.57 7.68
N VAL A 91 11.56 11.87 8.75
CA VAL A 91 12.53 11.56 9.79
C VAL A 91 12.46 10.06 10.06
N MET A 92 13.58 9.35 9.92
CA MET A 92 13.68 7.91 10.14
C MET A 92 14.82 7.70 11.09
N MET A 93 14.50 7.82 12.39
CA MET A 93 15.50 7.76 13.45
C MET A 93 15.03 6.95 14.67
N GLU A 94 15.99 6.55 15.50
N GLU A 94 16.00 6.57 15.51
CA GLU A 94 15.68 5.83 16.73
CA GLU A 94 15.76 5.85 16.76
C GLU A 94 15.09 6.79 17.80
C GLU A 94 15.10 6.80 17.81
N LYS A 95 14.57 6.22 18.90
CA LYS A 95 14.00 7.02 19.99
C LYS A 95 15.22 7.53 20.73
N SER A 96 15.71 8.73 20.36
CA SER A 96 17.00 9.20 20.87
C SER A 96 17.09 10.71 21.00
N ILE A 97 18.22 11.21 21.55
CA ILE A 97 18.48 12.64 21.63
C ILE A 97 18.57 13.24 20.21
N GLU A 98 19.16 12.49 19.26
CA GLU A 98 19.35 12.95 17.88
C GLU A 98 18.04 13.22 17.17
N ASN A 99 17.00 12.43 17.50
CA ASN A 99 15.67 12.59 16.94
C ASN A 99 15.08 13.93 17.45
N VAL A 100 15.31 14.28 18.73
CA VAL A 100 14.84 15.56 19.26
C VAL A 100 15.56 16.71 18.59
N ILE A 101 16.88 16.57 18.36
CA ILE A 101 17.66 17.62 17.67
C ILE A 101 17.09 17.83 16.25
N ALA A 102 16.81 16.72 15.57
CA ALA A 102 16.27 16.75 14.21
C ALA A 102 14.92 17.49 14.17
N ILE A 103 14.02 17.19 15.11
CA ILE A 103 12.69 17.80 15.19
C ILE A 103 12.83 19.32 15.38
N LEU A 104 13.63 19.75 16.35
CA LEU A 104 13.82 21.17 16.60
C LEU A 104 14.49 21.89 15.41
N ALA A 105 15.45 21.24 14.76
CA ALA A 105 16.15 21.81 13.61
C ALA A 105 15.20 22.00 12.44
N VAL A 106 14.28 21.05 12.21
CA VAL A 106 13.30 21.16 11.12
C VAL A 106 12.40 22.36 11.38
N LEU A 107 11.90 22.47 12.62
CA LEU A 107 11.05 23.59 13.01
C LEU A 107 11.78 24.92 12.86
N LYS A 108 13.03 25.02 13.34
CA LYS A 108 13.86 26.23 13.25
C LYS A 108 14.14 26.66 11.81
N ALA A 109 14.27 25.68 10.89
CA ALA A 109 14.44 25.96 9.47
C ALA A 109 13.11 26.41 8.79
N GLY A 110 11.99 26.27 9.48
CA GLY A 110 10.68 26.66 8.98
C GLY A 110 9.86 25.57 8.35
N GLY A 111 10.38 24.35 8.35
CA GLY A 111 9.69 23.22 7.74
C GLY A 111 8.83 22.45 8.71
N ALA A 112 8.23 21.37 8.21
CA ALA A 112 7.37 20.48 8.99
C ALA A 112 8.03 19.12 9.04
N TYR A 113 7.99 18.42 10.19
N TYR A 113 7.82 18.44 10.17
CA TYR A 113 8.61 17.09 10.20
CA TYR A 113 8.34 17.16 10.61
C TYR A 113 7.54 16.02 10.20
C TYR A 113 7.39 15.99 10.27
N VAL A 114 7.84 14.96 9.49
CA VAL A 114 6.99 13.81 9.23
C VAL A 114 7.73 12.58 9.74
N PRO A 115 7.48 12.20 10.99
CA PRO A 115 8.17 11.02 11.53
C PRO A 115 7.68 9.73 10.88
N ILE A 116 8.63 8.92 10.43
CA ILE A 116 8.34 7.63 9.84
C ILE A 116 8.68 6.56 10.87
N ASP A 117 7.67 5.80 11.28
CA ASP A 117 7.84 4.77 12.29
C ASP A 117 8.77 3.69 11.77
N ILE A 118 9.99 3.62 12.31
CA ILE A 118 10.98 2.65 11.82
C ILE A 118 10.68 1.20 12.21
N GLU A 119 9.64 0.96 13.02
CA GLU A 119 9.22 -0.39 13.38
C GLU A 119 8.25 -0.93 12.35
N TYR A 120 7.54 -0.04 11.61
CA TYR A 120 6.57 -0.39 10.59
C TYR A 120 7.15 -1.38 9.59
N PRO A 121 6.30 -2.21 8.99
CA PRO A 121 6.80 -3.09 7.91
C PRO A 121 7.27 -2.21 6.73
N ARG A 122 8.24 -2.69 5.95
CA ARG A 122 8.80 -1.96 4.83
C ARG A 122 7.76 -1.32 3.90
N ASP A 123 6.67 -2.06 3.56
CA ASP A 123 5.65 -1.56 2.64
C ASP A 123 4.88 -0.39 3.16
N ARG A 124 4.59 -0.38 4.48
CA ARG A 124 3.91 0.74 5.09
C ARG A 124 4.82 1.98 5.05
N ILE A 125 6.14 1.82 5.30
CA ILE A 125 7.08 2.94 5.22
C ILE A 125 7.10 3.48 3.77
N GLN A 126 7.15 2.57 2.80
CA GLN A 126 7.17 2.91 1.37
C GLN A 126 5.89 3.68 0.98
N TYR A 127 4.73 3.26 1.50
CA TYR A 127 3.47 3.95 1.19
C TYR A 127 3.51 5.37 1.74
N ILE A 128 3.94 5.53 2.99
CA ILE A 128 3.99 6.84 3.64
C ILE A 128 4.98 7.77 2.95
N LEU A 129 6.16 7.27 2.61
CA LEU A 129 7.16 8.07 1.89
C LEU A 129 6.59 8.58 0.56
N GLN A 130 5.90 7.71 -0.15
CA GLN A 130 5.28 8.06 -1.43
C GLN A 130 4.13 9.06 -1.25
N ASP A 131 3.27 8.83 -0.26
CA ASP A 131 2.12 9.68 -0.01
C ASP A 131 2.55 11.09 0.40
N SER A 132 3.52 11.17 1.30
CA SER A 132 3.99 12.48 1.80
C SER A 132 4.70 13.28 0.75
N GLN A 133 5.24 12.61 -0.28
CA GLN A 133 6.02 13.23 -1.35
C GLN A 133 7.26 13.92 -0.79
N THR A 134 7.74 13.52 0.43
CA THR A 134 8.94 14.14 1.01
C THR A 134 10.14 14.05 0.05
N LYS A 135 10.89 15.15 -0.07
CA LYS A 135 12.09 15.20 -0.90
C LYS A 135 13.40 15.09 -0.08
N ILE A 136 13.29 15.02 1.27
CA ILE A 136 14.45 14.92 2.13
C ILE A 136 14.10 14.09 3.38
N VAL A 137 14.95 13.11 3.70
CA VAL A 137 14.74 12.28 4.87
C VAL A 137 15.98 12.39 5.75
N LEU A 138 15.78 12.66 7.05
CA LEU A 138 16.87 12.73 8.00
C LEU A 138 16.91 11.39 8.70
N THR A 139 18.11 10.83 8.80
CA THR A 139 18.30 9.54 9.43
C THR A 139 19.62 9.53 10.25
N GLN A 140 20.05 8.34 10.70
CA GLN A 140 21.29 8.14 11.41
C GLN A 140 21.91 6.82 10.93
N LYS A 141 23.20 6.62 11.21
CA LYS A 141 23.94 5.44 10.76
C LYS A 141 23.24 4.12 10.99
N SER A 142 22.68 3.91 12.18
CA SER A 142 22.02 2.63 12.49
C SER A 142 20.70 2.41 11.73
N VAL A 143 20.12 3.47 11.15
CA VAL A 143 18.86 3.36 10.42
C VAL A 143 19.07 3.49 8.87
N SER A 144 20.30 3.86 8.42
CA SER A 144 20.63 4.02 7.03
C SER A 144 20.30 2.78 6.14
N GLN A 145 20.54 1.56 6.65
CA GLN A 145 20.25 0.36 5.86
C GLN A 145 18.73 0.24 5.65
N LEU A 146 17.93 0.58 6.66
CA LEU A 146 16.48 0.59 6.52
C LEU A 146 16.04 1.61 5.44
N VAL A 147 16.65 2.81 5.41
CA VAL A 147 16.34 3.82 4.39
C VAL A 147 16.70 3.29 2.98
N HIS A 148 17.84 2.58 2.85
CA HIS A 148 18.18 1.96 1.58
C HIS A 148 17.18 0.85 1.22
N ASP A 149 16.83 0.00 2.18
CA ASP A 149 15.91 -1.11 1.93
C ASP A 149 14.52 -0.69 1.56
N VAL A 150 14.02 0.41 2.15
CA VAL A 150 12.72 0.94 1.71
C VAL A 150 12.84 1.63 0.32
N GLY A 151 14.06 1.79 -0.21
CA GLY A 151 14.36 2.26 -1.54
C GLY A 151 14.12 3.72 -1.79
N TYR A 152 14.20 4.52 -0.72
CA TYR A 152 13.99 5.97 -0.81
C TYR A 152 14.97 6.63 -1.78
N SER A 153 14.46 7.30 -2.85
CA SER A 153 15.33 7.91 -3.86
C SER A 153 15.54 9.41 -3.77
N GLY A 154 15.10 10.01 -2.68
CA GLY A 154 15.30 11.44 -2.48
C GLY A 154 16.60 11.71 -1.73
N GLU A 155 16.74 12.93 -1.24
CA GLU A 155 17.91 13.34 -0.50
C GLU A 155 17.89 12.72 0.90
N VAL A 156 19.02 12.13 1.31
CA VAL A 156 19.11 11.54 2.64
C VAL A 156 20.25 12.20 3.40
N VAL A 157 19.95 12.74 4.58
CA VAL A 157 20.94 13.36 5.46
C VAL A 157 21.17 12.43 6.66
N VAL A 158 22.36 11.87 6.76
CA VAL A 158 22.72 10.99 7.87
C VAL A 158 23.35 11.89 8.89
N LEU A 159 22.58 12.27 9.91
CA LEU A 159 22.93 13.25 10.92
C LEU A 159 24.21 12.96 11.70
N ASP A 160 24.47 11.71 12.10
CA ASP A 160 25.70 11.39 12.84
C ASP A 160 26.92 11.15 11.91
N GLU A 161 26.82 11.56 10.63
CA GLU A 161 27.88 11.58 9.61
C GLU A 161 28.09 13.03 9.08
N GLU A 162 27.20 13.98 9.43
CA GLU A 162 27.24 15.37 9.03
C GLU A 162 28.21 16.14 9.93
N GLN A 163 29.04 17.00 9.34
CA GLN A 163 30.02 17.77 10.11
C GLN A 163 29.42 19.13 10.42
N LEU A 164 28.65 19.20 11.51
CA LEU A 164 27.93 20.40 11.90
C LEU A 164 28.62 21.25 12.95
N ASP A 165 29.60 20.68 13.68
CA ASP A 165 30.27 21.35 14.80
C ASP A 165 30.91 22.72 14.50
N ALA A 166 31.15 23.04 13.22
CA ALA A 166 31.73 24.34 12.87
C ALA A 166 30.68 25.41 12.55
N ARG A 167 29.40 25.02 12.36
CA ARG A 167 28.35 25.96 12.03
C ARG A 167 27.99 26.88 13.20
N GLU A 168 27.40 28.05 12.87
CA GLU A 168 26.94 29.06 13.81
C GLU A 168 25.91 28.43 14.76
N THR A 169 25.99 28.75 16.05
CA THR A 169 25.07 28.17 17.04
C THR A 169 23.95 29.09 17.49
N ALA A 170 23.95 30.36 17.06
CA ALA A 170 22.90 31.29 17.44
C ALA A 170 21.53 30.91 16.79
N ASN A 171 20.41 31.38 17.37
CA ASN A 171 19.06 31.18 16.84
C ASN A 171 18.97 31.78 15.42
N LEU A 172 18.18 31.15 14.54
CA LEU A 172 18.10 31.60 13.14
C LEU A 172 17.19 32.79 12.88
N HIS A 173 16.02 32.82 13.53
CA HIS A 173 15.03 33.89 13.31
C HIS A 173 14.44 33.82 11.88
N GLN A 174 14.18 32.61 11.39
CA GLN A 174 13.51 32.43 10.09
C GLN A 174 12.06 32.93 10.21
N PRO A 175 11.48 33.47 9.12
CA PRO A 175 10.08 33.90 9.20
C PRO A 175 9.16 32.71 9.51
N SER A 176 8.19 32.92 10.37
CA SER A 176 7.27 31.85 10.76
C SER A 176 5.98 32.45 11.30
N LYS A 177 4.86 31.79 11.04
CA LYS A 177 3.55 32.16 11.53
C LYS A 177 3.01 30.94 12.30
N PRO A 178 2.16 31.13 13.32
CA PRO A 178 1.61 29.97 14.04
C PRO A 178 0.71 29.06 13.20
N THR A 179 0.25 29.55 12.05
CA THR A 179 -0.57 28.76 11.12
C THR A 179 0.29 27.91 10.15
N ASP A 180 1.62 28.04 10.21
CA ASP A 180 2.51 27.22 9.40
C ASP A 180 2.44 25.76 9.88
N LEU A 181 2.70 24.82 8.96
CA LEU A 181 2.74 23.41 9.29
C LEU A 181 3.90 23.12 10.22
N ALA A 182 3.67 22.39 11.33
CA ALA A 182 4.74 22.04 12.24
C ALA A 182 5.07 20.56 12.05
N TYR A 183 4.03 19.70 11.97
CA TYR A 183 4.27 18.28 11.78
C TYR A 183 3.10 17.57 11.15
N VAL A 184 3.38 16.41 10.56
CA VAL A 184 2.38 15.57 9.90
C VAL A 184 2.51 14.19 10.51
N ILE A 185 1.45 13.72 11.17
CA ILE A 185 1.45 12.43 11.83
C ILE A 185 0.66 11.41 11.02
N TYR A 186 1.28 10.28 10.67
CA TYR A 186 0.59 9.24 9.94
C TYR A 186 0.01 8.19 10.88
N THR A 187 -1.21 7.75 10.58
CA THR A 187 -1.87 6.68 11.28
C THR A 187 -2.69 5.82 10.30
N SER A 188 -2.85 4.54 10.65
CA SER A 188 -3.61 3.60 9.84
C SER A 188 -4.72 2.97 10.68
N GLY A 189 -5.86 2.70 10.05
CA GLY A 189 -7.01 2.12 10.71
C GLY A 189 -7.44 0.80 10.10
N GLY A 192 -8.73 3.10 6.29
CA GLY A 192 -8.12 2.22 5.29
C GLY A 192 -6.62 2.41 5.17
N LYS A 193 -6.19 3.12 4.13
CA LYS A 193 -4.77 3.40 3.92
C LYS A 193 -4.23 4.40 4.98
N PRO A 194 -2.91 4.40 5.24
CA PRO A 194 -2.36 5.39 6.19
C PRO A 194 -2.63 6.83 5.72
N LYS A 195 -3.04 7.70 6.65
CA LYS A 195 -3.27 9.11 6.32
C LYS A 195 -2.51 10.00 7.26
N GLY A 196 -2.04 11.12 6.73
CA GLY A 196 -1.26 12.08 7.51
C GLY A 196 -2.09 13.24 8.03
N THR A 197 -2.16 13.41 9.35
CA THR A 197 -2.86 14.55 9.93
C THR A 197 -1.89 15.73 9.98
N MET A 198 -2.29 16.85 9.40
CA MET A 198 -1.46 18.05 9.31
C MET A 198 -1.67 18.97 10.52
N LEU A 199 -0.69 19.05 11.40
CA LEU A 199 -0.77 19.88 12.59
C LEU A 199 0.05 21.17 12.45
N GLU A 200 -0.51 22.31 12.80
CA GLU A 200 0.13 23.62 12.76
C GLU A 200 0.75 23.96 14.13
N HIS A 201 1.58 25.03 14.21
CA HIS A 201 2.20 25.45 15.49
C HIS A 201 1.20 25.90 16.59
N LYS A 202 0.12 26.57 16.18
CA LYS A 202 -0.88 27.18 17.05
C LYS A 202 -1.42 26.29 18.19
N GLY A 203 -1.78 25.05 17.89
CA GLY A 203 -2.32 24.13 18.89
C GLY A 203 -1.32 23.75 19.96
N ILE A 204 -0.05 23.56 19.58
CA ILE A 204 1.00 23.22 20.55
C ILE A 204 1.32 24.43 21.41
N ALA A 205 1.24 25.67 20.85
CA ALA A 205 1.42 26.89 21.65
C ALA A 205 0.31 26.97 22.71
N ASN A 206 -0.92 26.62 22.34
CA ASN A 206 -2.04 26.63 23.30
C ASN A 206 -1.83 25.56 24.37
N LEU A 207 -1.33 24.38 23.96
CA LEU A 207 -1.06 23.32 24.92
C LEU A 207 0.00 23.71 25.92
N GLN A 208 0.98 24.54 25.55
CA GLN A 208 1.99 25.00 26.53
C GLN A 208 1.31 25.70 27.72
N SER A 209 0.37 26.61 27.45
N SER A 209 0.38 26.62 27.43
CA SER A 209 -0.37 27.29 28.51
CA SER A 209 -0.38 27.33 28.45
C SER A 209 -1.30 26.36 29.27
C SER A 209 -1.28 26.37 29.25
N PHE A 210 -1.95 25.44 28.55
CA PHE A 210 -2.83 24.46 29.18
C PHE A 210 -2.05 23.60 30.20
N PHE A 211 -0.89 23.05 29.80
CA PHE A 211 -0.07 22.24 30.70
C PHE A 211 0.41 23.05 31.90
N GLN A 212 0.83 24.29 31.66
CA GLN A 212 1.29 25.14 32.78
C GLN A 212 0.15 25.47 33.76
N ASN A 213 -1.04 25.78 33.22
CA ASN A 213 -2.19 26.14 34.03
C ASN A 213 -2.82 24.93 34.71
N SER A 214 -3.17 23.89 33.93
CA SER A 214 -3.95 22.75 34.39
C SER A 214 -3.17 21.61 34.94
N PHE A 215 -1.96 21.39 34.44
CA PHE A 215 -1.12 20.32 34.99
C PHE A 215 -0.06 20.86 35.96
N GLY A 216 0.05 22.19 36.12
CA GLY A 216 1.06 22.79 36.98
C GLY A 216 2.49 22.54 36.54
N VAL A 217 2.69 22.31 35.23
CA VAL A 217 4.03 22.04 34.71
C VAL A 217 4.97 23.21 34.94
N THR A 218 6.16 22.91 35.51
CA THR A 218 7.21 23.90 35.72
C THR A 218 8.57 23.28 35.23
N GLU A 219 9.63 24.10 35.25
CA GLU A 219 10.96 23.65 34.86
C GLU A 219 11.50 22.55 35.82
N GLN A 220 10.91 22.40 37.02
CA GLN A 220 11.32 21.38 37.97
C GLN A 220 10.83 19.96 37.56
N ASP A 221 9.80 19.88 36.73
CA ASP A 221 9.26 18.59 36.31
C ASP A 221 10.27 17.74 35.51
N ARG A 222 10.15 16.41 35.67
CA ARG A 222 10.93 15.40 34.97
C ARG A 222 9.91 14.50 34.34
N ILE A 223 9.82 14.58 33.02
CA ILE A 223 8.78 13.94 32.26
C ILE A 223 9.30 12.77 31.48
N GLY A 224 8.70 11.61 31.66
CA GLY A 224 9.08 10.43 30.90
C GLY A 224 8.43 10.39 29.54
N LEU A 225 9.18 10.03 28.53
CA LEU A 225 8.67 9.91 27.17
C LEU A 225 8.36 8.44 26.96
N PHE A 226 7.09 8.07 27.11
CA PHE A 226 6.68 6.70 26.97
C PHE A 226 6.57 6.28 25.50
N ALA A 227 5.87 7.09 24.70
CA ALA A 227 5.63 6.74 23.31
C ALA A 227 6.79 7.04 22.38
N SER A 228 6.95 6.20 21.35
CA SER A 228 7.95 6.41 20.33
C SER A 228 7.56 7.69 19.54
N MET A 229 8.56 8.34 18.98
CA MET A 229 8.47 9.67 18.40
C MET A 229 7.72 9.80 17.06
N SER A 230 7.22 8.70 16.48
CA SER A 230 6.37 8.83 15.29
C SER A 230 4.87 8.98 15.69
N PHE A 231 4.54 8.88 17.00
CA PHE A 231 3.16 9.01 17.48
C PHE A 231 2.88 10.44 17.89
N ALA A 232 1.69 10.95 17.54
CA ALA A 232 1.31 12.33 17.88
C ALA A 232 1.37 12.58 19.40
N ALA A 233 0.99 11.57 20.20
CA ALA A 233 1.02 11.75 21.66
C ALA A 233 2.45 11.95 22.16
N SER A 234 3.44 11.30 21.50
CA SER A 234 4.84 11.45 21.87
C SER A 234 5.33 12.87 21.61
N VAL A 235 4.89 13.48 20.48
CA VAL A 235 5.25 14.86 20.14
C VAL A 235 4.69 15.80 21.22
N SER A 236 3.43 15.56 21.61
CA SER A 236 2.81 16.32 22.68
C SER A 236 3.57 16.20 24.02
N GLU A 237 3.93 14.97 24.47
CA GLU A 237 4.69 14.72 25.72
C GLU A 237 6.01 15.48 25.64
N MET A 238 6.74 15.36 24.50
CA MET A 238 8.01 16.02 24.30
C MET A 238 7.91 17.54 24.52
N PHE A 239 6.90 18.21 23.90
CA PHE A 239 6.73 19.65 24.07
C PHE A 239 6.16 20.02 25.43
N MET A 240 5.49 19.09 26.13
CA MET A 240 5.06 19.36 27.50
C MET A 240 6.32 19.63 28.38
N ALA A 241 7.46 18.95 28.09
CA ALA A 241 8.70 19.23 28.80
C ALA A 241 9.47 20.46 28.23
N LEU A 242 9.81 20.40 26.92
CA LEU A 242 10.66 21.37 26.27
C LEU A 242 10.11 22.76 26.20
N LEU A 243 8.78 22.96 26.21
CA LEU A 243 8.24 24.32 26.22
C LEU A 243 8.03 24.87 27.63
N SER A 244 8.46 24.17 28.68
CA SER A 244 8.35 24.70 30.06
C SER A 244 9.66 24.70 30.85
N GLY A 245 10.78 24.36 30.22
CA GLY A 245 12.07 24.31 30.90
C GLY A 245 12.30 23.03 31.68
N ALA A 246 11.36 22.05 31.54
CA ALA A 246 11.39 20.77 32.22
C ALA A 246 12.31 19.76 31.49
N SER A 247 12.66 18.65 32.14
CA SER A 247 13.53 17.66 31.54
C SER A 247 12.71 16.52 30.95
N LEU A 248 13.13 16.02 29.78
CA LEU A 248 12.46 14.91 29.13
C LEU A 248 13.36 13.67 29.19
N TYR A 249 12.87 12.60 29.80
CA TYR A 249 13.61 11.36 29.92
C TYR A 249 13.05 10.39 28.89
N ILE A 250 13.85 10.09 27.86
CA ILE A 250 13.44 9.20 26.79
C ILE A 250 13.57 7.79 27.31
N LEU A 251 12.44 7.11 27.50
CA LEU A 251 12.44 5.76 28.04
C LEU A 251 12.80 4.74 26.95
N SER A 252 13.80 3.92 27.21
CA SER A 252 14.23 2.93 26.21
C SER A 252 13.20 1.80 26.05
N LYS A 253 13.32 1.01 24.98
CA LYS A 253 12.42 -0.12 24.74
C LYS A 253 12.55 -1.16 25.86
N GLN A 254 13.78 -1.36 26.37
CA GLN A 254 14.11 -2.31 27.42
C GLN A 254 13.43 -1.91 28.74
N THR A 255 13.52 -0.63 29.11
CA THR A 255 12.89 -0.09 30.33
C THR A 255 11.38 -0.29 30.28
N ILE A 256 10.78 -0.04 29.12
CA ILE A 256 9.34 -0.19 28.93
C ILE A 256 8.91 -1.66 28.92
N HIS A 257 9.70 -2.54 28.34
CA HIS A 257 9.38 -3.98 28.24
C HIS A 257 9.33 -4.70 29.60
N ASP A 258 10.06 -4.20 30.59
CA ASP A 258 10.12 -4.84 31.91
C ASP A 258 9.49 -3.90 32.93
N PHE A 259 8.32 -4.29 33.50
CA PHE A 259 7.60 -3.46 34.48
C PHE A 259 8.46 -3.06 35.66
N ALA A 260 9.24 -4.00 36.21
CA ALA A 260 10.11 -3.69 37.33
C ALA A 260 11.17 -2.66 36.91
N ALA A 261 11.72 -2.80 35.70
CA ALA A 261 12.73 -1.85 35.22
C ALA A 261 12.11 -0.47 35.00
N PHE A 262 10.85 -0.42 34.55
CA PHE A 262 10.12 0.83 34.35
C PHE A 262 9.94 1.52 35.71
N GLU A 263 9.46 0.77 36.73
CA GLU A 263 9.27 1.32 38.06
C GLU A 263 10.60 1.85 38.63
N HIS A 264 11.68 1.08 38.46
CA HIS A 264 12.98 1.47 38.98
C HIS A 264 13.50 2.70 38.28
N TYR A 265 13.30 2.78 36.95
CA TYR A 265 13.76 3.95 36.21
C TYR A 265 13.04 5.23 36.66
N LEU A 266 11.72 5.17 36.82
CA LEU A 266 10.93 6.31 37.29
C LEU A 266 11.36 6.73 38.69
N SER A 267 11.63 5.76 39.56
CA SER A 267 11.99 6.05 40.94
C SER A 267 13.39 6.58 41.07
N GLU A 268 14.35 5.95 40.39
CA GLU A 268 15.77 6.34 40.41
C GLU A 268 15.92 7.77 39.90
N ASN A 269 15.23 8.09 38.82
CA ASN A 269 15.32 9.40 38.21
C ASN A 269 14.30 10.43 38.73
N GLU A 270 13.49 10.04 39.74
CA GLU A 270 12.48 10.89 40.38
C GLU A 270 11.58 11.59 39.34
N LEU A 271 11.09 10.80 38.38
CA LEU A 271 10.17 11.32 37.37
C LEU A 271 8.86 11.76 38.00
N THR A 272 8.38 12.93 37.60
CA THR A 272 7.20 13.53 38.18
C THR A 272 5.98 13.48 37.28
N ILE A 273 6.16 13.32 35.96
CA ILE A 273 5.01 13.28 35.05
C ILE A 273 5.17 12.16 34.05
N ILE A 274 4.09 11.45 33.79
CA ILE A 274 4.10 10.41 32.78
C ILE A 274 2.72 10.28 32.21
N THR A 275 2.64 10.04 30.91
CA THR A 275 1.40 9.76 30.19
C THR A 275 1.50 8.31 29.74
N LEU A 276 0.58 7.44 30.19
CA LEU A 276 0.62 6.02 29.90
C LEU A 276 -0.71 5.52 29.39
N PRO A 277 -0.70 4.42 28.59
CA PRO A 277 -1.98 3.76 28.26
C PRO A 277 -2.47 3.00 29.49
N PRO A 278 -3.79 2.91 29.68
CA PRO A 278 -4.33 2.19 30.86
C PRO A 278 -3.89 0.73 30.93
N THR A 279 -3.73 0.06 29.77
CA THR A 279 -3.30 -1.34 29.75
C THR A 279 -1.89 -1.51 30.33
N TYR A 280 -1.04 -0.47 30.24
CA TYR A 280 0.30 -0.52 30.81
C TYR A 280 0.22 -0.20 32.32
N LEU A 281 -0.50 0.87 32.65
CA LEU A 281 -0.69 1.30 34.04
C LEU A 281 -1.23 0.19 34.97
N THR A 282 -2.11 -0.70 34.46
CA THR A 282 -2.67 -1.78 35.28
C THR A 282 -1.61 -2.74 35.85
N HIS A 283 -0.42 -2.79 35.25
CA HIS A 283 0.63 -3.69 35.72
C HIS A 283 1.57 -3.05 36.75
N LEU A 284 1.44 -1.74 37.01
CA LEU A 284 2.33 -1.04 37.91
C LEU A 284 1.86 -1.06 39.36
N THR A 285 2.83 -0.88 40.24
CA THR A 285 2.63 -0.90 41.68
C THR A 285 2.86 0.50 42.19
N PRO A 286 1.84 1.14 42.78
CA PRO A 286 2.02 2.51 43.28
C PRO A 286 3.15 2.70 44.26
N GLU A 287 3.37 1.71 45.14
CA GLU A 287 4.43 1.75 46.16
C GLU A 287 5.82 1.79 45.54
N ARG A 288 5.97 1.22 44.33
CA ARG A 288 7.24 1.16 43.62
C ARG A 288 7.56 2.46 42.83
N ILE A 289 6.61 3.40 42.76
CA ILE A 289 6.80 4.68 42.09
C ILE A 289 6.34 5.69 43.11
N THR A 290 7.23 6.56 43.56
CA THR A 290 6.87 7.53 44.62
C THR A 290 6.84 8.99 44.16
N SER A 291 7.70 9.28 43.22
CA SER A 291 8.00 10.58 42.67
C SER A 291 6.93 11.21 41.79
N LEU A 292 6.04 10.41 41.15
CA LEU A 292 5.05 10.98 40.25
C LEU A 292 4.14 11.94 40.96
N ARG A 293 3.94 13.09 40.37
CA ARG A 293 2.98 14.03 40.92
C ARG A 293 1.71 14.08 40.06
N ILE A 294 1.84 13.78 38.75
CA ILE A 294 0.68 13.76 37.88
C ILE A 294 0.82 12.60 36.88
N MET A 295 -0.26 11.86 36.66
N MET A 295 -0.27 11.86 36.67
CA MET A 295 -0.27 10.74 35.73
CA MET A 295 -0.32 10.72 35.77
C MET A 295 -1.45 10.97 34.80
C MET A 295 -1.47 10.97 34.80
N ILE A 296 -1.20 10.92 33.48
CA ILE A 296 -2.25 11.13 32.49
C ILE A 296 -2.48 9.83 31.70
N THR A 297 -3.74 9.44 31.55
CA THR A 297 -4.07 8.22 30.80
C THR A 297 -5.37 8.45 30.01
N ALA A 298 -5.68 7.57 29.07
CA ALA A 298 -6.90 7.68 28.28
C ALA A 298 -7.78 6.44 28.47
N GLY A 299 -8.71 6.51 29.41
CA GLY A 299 -9.67 5.43 29.66
C GLY A 299 -11.10 5.88 29.75
N SER A 300 -12.03 4.95 30.02
CA SER A 300 -13.44 5.26 30.23
C SER A 300 -13.97 4.48 31.47
N ALA A 301 -15.31 4.23 31.63
CA ALA A 301 -15.87 3.59 32.82
C ALA A 301 -15.17 2.31 33.29
N SER A 302 -14.70 1.45 32.36
CA SER A 302 -14.03 0.20 32.77
C SER A 302 -12.68 0.43 33.51
N SER A 303 -12.17 1.68 33.47
CA SER A 303 -10.97 2.02 34.18
C SER A 303 -11.28 2.51 35.62
N ALA A 304 -12.53 2.35 36.15
CA ALA A 304 -12.82 2.77 37.52
C ALA A 304 -11.87 2.12 38.56
N PRO A 305 -11.57 0.79 38.51
CA PRO A 305 -10.61 0.22 39.47
C PRO A 305 -9.24 0.90 39.42
N LEU A 306 -8.78 1.26 38.22
CA LEU A 306 -7.51 1.95 38.04
C LEU A 306 -7.53 3.35 38.68
N VAL A 307 -8.60 4.10 38.42
CA VAL A 307 -8.78 5.43 38.97
C VAL A 307 -8.80 5.38 40.50
N ASN A 308 -9.58 4.46 41.07
CA ASN A 308 -9.71 4.32 42.50
C ASN A 308 -8.40 3.95 43.20
N LYS A 309 -7.56 3.19 42.53
CA LYS A 309 -6.28 2.77 43.05
C LYS A 309 -5.27 3.93 43.09
N TRP A 310 -5.23 4.74 42.03
CA TRP A 310 -4.20 5.76 41.90
C TRP A 310 -4.60 7.20 42.24
N LYS A 311 -5.90 7.55 42.27
CA LYS A 311 -6.36 8.92 42.42
C LYS A 311 -5.91 9.63 43.69
N ASP A 312 -5.61 8.86 44.75
CA ASP A 312 -5.15 9.30 46.06
C ASP A 312 -3.60 9.30 46.17
N LYS A 313 -2.88 8.76 45.17
CA LYS A 313 -1.42 8.70 45.20
C LYS A 313 -0.73 9.78 44.35
N LEU A 314 -1.48 10.45 43.48
CA LEU A 314 -1.01 11.49 42.55
C LEU A 314 -2.24 12.17 41.92
N ARG A 315 -2.03 13.17 41.06
CA ARG A 315 -3.13 13.78 40.33
C ARG A 315 -3.39 12.86 39.15
N TYR A 316 -4.51 12.16 39.18
CA TYR A 316 -4.88 11.24 38.12
C TYR A 316 -5.69 11.99 37.09
N ILE A 317 -5.23 12.05 35.83
CA ILE A 317 -5.93 12.76 34.76
C ILE A 317 -6.44 11.76 33.71
N ASN A 318 -7.74 11.72 33.50
CA ASN A 318 -8.30 10.90 32.44
C ASN A 318 -8.48 11.89 31.30
N ALA A 319 -7.78 11.66 30.20
CA ALA A 319 -7.76 12.57 29.05
C ALA A 319 -8.34 11.93 27.81
N TYR A 320 -8.89 12.78 26.94
CA TYR A 320 -9.43 12.36 25.66
C TYR A 320 -8.99 13.40 24.62
N GLY A 321 -8.59 12.93 23.46
CA GLY A 321 -8.17 13.85 22.40
C GLY A 321 -7.52 13.15 21.23
N PRO A 322 -8.16 13.23 20.07
CA PRO A 322 -7.57 12.62 18.88
C PRO A 322 -6.41 13.43 18.32
N THR A 323 -5.63 12.80 17.45
CA THR A 323 -4.51 13.44 16.74
C THR A 323 -4.99 14.67 15.96
N GLU A 324 -6.18 14.58 15.39
CA GLU A 324 -6.82 15.62 14.61
C GLU A 324 -7.08 16.91 15.37
N THR A 325 -7.01 16.89 16.71
CA THR A 325 -7.11 18.09 17.52
C THR A 325 -5.86 18.23 18.40
N SER A 326 -4.68 17.83 17.87
CA SER A 326 -3.41 17.94 18.58
C SER A 326 -3.35 17.09 19.87
N CYS A 327 -4.04 15.94 19.91
CA CYS A 327 -4.03 14.96 21.01
C CYS A 327 -4.61 15.44 22.33
N SER A 328 -5.32 16.54 22.31
CA SER A 328 -5.92 17.07 23.53
C SER A 328 -7.30 17.60 23.18
N ALA A 329 -8.28 17.33 24.04
CA ALA A 329 -9.63 17.87 23.82
C ALA A 329 -10.32 18.05 25.16
N THR A 330 -10.40 16.99 25.99
CA THR A 330 -11.02 17.08 27.30
C THR A 330 -10.11 16.43 28.36
N ILE A 331 -10.32 16.82 29.60
CA ILE A 331 -9.63 16.18 30.72
C ILE A 331 -10.63 16.08 31.88
N TRP A 332 -10.40 15.12 32.75
CA TRP A 332 -11.13 14.92 34.00
C TRP A 332 -10.08 14.54 35.00
N GLU A 333 -9.83 15.40 35.99
CA GLU A 333 -8.88 15.07 37.03
C GLU A 333 -9.71 14.37 38.10
N ALA A 334 -9.41 13.09 38.40
CA ALA A 334 -10.14 12.35 39.42
C ALA A 334 -10.04 13.05 40.79
N PRO A 335 -11.17 13.51 41.36
CA PRO A 335 -11.10 14.14 42.72
C PRO A 335 -10.47 13.18 43.73
N SER A 336 -9.39 13.61 44.37
CA SER A 336 -8.61 12.75 45.24
C SER A 336 -9.28 12.40 46.56
N ASN A 337 -9.73 13.42 47.29
N ASN A 337 -9.69 13.41 47.32
CA ASN A 337 -10.36 13.35 48.61
CA ASN A 337 -10.28 13.17 48.63
C ASN A 337 -11.81 12.86 48.55
C ASN A 337 -11.76 12.86 48.55
N GLN A 338 -12.13 11.94 47.64
CA GLN A 338 -13.50 11.47 47.46
C GLN A 338 -13.60 9.94 47.53
N LEU A 339 -14.79 9.42 47.91
CA LEU A 339 -15.04 7.98 47.97
C LEU A 339 -14.87 7.38 46.55
N SER A 340 -14.85 6.05 46.41
N SER A 340 -14.83 6.05 46.41
CA SER A 340 -14.64 5.38 45.12
CA SER A 340 -14.63 5.41 45.11
C SER A 340 -15.66 5.74 44.05
C SER A 340 -15.64 5.83 44.06
N VAL A 341 -15.19 5.93 42.81
CA VAL A 341 -16.07 6.24 41.71
C VAL A 341 -16.44 4.95 40.99
N GLN A 342 -17.62 4.98 40.37
N GLN A 342 -17.61 4.94 40.33
CA GLN A 342 -18.26 3.91 39.63
CA GLN A 342 -18.05 3.79 39.55
C GLN A 342 -18.15 4.09 38.10
C GLN A 342 -17.93 4.06 38.03
N SER A 343 -18.01 5.34 37.65
CA SER A 343 -17.92 5.77 36.26
C SER A 343 -16.73 6.73 36.13
N VAL A 344 -16.13 6.75 34.94
CA VAL A 344 -14.99 7.59 34.68
C VAL A 344 -15.28 8.48 33.47
N PRO A 345 -15.65 9.74 33.70
CA PRO A 345 -15.91 10.62 32.55
C PRO A 345 -14.64 11.04 31.83
N ILE A 346 -14.80 11.56 30.60
CA ILE A 346 -13.70 12.17 29.90
C ILE A 346 -13.58 13.67 30.26
N GLY A 347 -14.53 14.21 31.04
CA GLY A 347 -14.45 15.54 31.59
C GLY A 347 -14.98 16.66 30.76
N LYS A 348 -14.24 17.76 30.73
CA LYS A 348 -14.64 19.00 30.09
C LYS A 348 -13.61 19.48 29.09
N PRO A 349 -14.02 20.31 28.12
CA PRO A 349 -13.06 20.82 27.14
C PRO A 349 -11.97 21.65 27.78
N ILE A 350 -10.77 21.49 27.25
CA ILE A 350 -9.63 22.27 27.72
C ILE A 350 -9.70 23.67 27.12
N GLN A 351 -8.89 24.59 27.65
CA GLN A 351 -8.83 25.98 27.24
C GLN A 351 -8.74 26.19 25.75
N ASN A 352 -9.52 27.15 25.26
CA ASN A 352 -9.56 27.53 23.85
C ASN A 352 -10.01 26.42 22.88
N THR A 353 -10.66 25.41 23.43
CA THR A 353 -11.24 24.35 22.64
C THR A 353 -12.73 24.26 23.00
N HIS A 354 -13.50 23.73 22.06
CA HIS A 354 -14.94 23.55 22.28
C HIS A 354 -15.36 22.14 21.89
N ILE A 355 -16.33 21.64 22.60
CA ILE A 355 -16.89 20.31 22.41
C ILE A 355 -18.39 20.46 22.13
N TYR A 356 -18.90 19.71 21.16
CA TYR A 356 -20.31 19.73 20.84
C TYR A 356 -20.75 18.26 20.74
N ILE A 357 -21.89 17.92 21.29
CA ILE A 357 -22.46 16.59 21.16
C ILE A 357 -23.68 16.77 20.29
N VAL A 358 -23.63 16.23 19.08
CA VAL A 358 -24.66 16.50 18.09
C VAL A 358 -25.26 15.24 17.47
N ASN A 359 -26.44 15.38 16.89
CA ASN A 359 -27.05 14.30 16.12
C ASN A 359 -26.46 14.28 14.69
N GLU A 360 -27.01 13.46 13.80
CA GLU A 360 -26.54 13.33 12.43
C GLU A 360 -26.69 14.63 11.61
N ASP A 361 -27.60 15.51 12.00
CA ASP A 361 -27.78 16.80 11.32
C ASP A 361 -27.04 17.93 12.03
N LEU A 362 -26.04 17.60 12.89
CA LEU A 362 -25.22 18.56 13.64
C LEU A 362 -26.06 19.48 14.51
N GLN A 363 -27.19 18.96 15.04
CA GLN A 363 -28.03 19.72 15.98
C GLN A 363 -27.60 19.36 17.41
N LEU A 364 -27.48 20.34 18.31
CA LEU A 364 -27.03 20.12 19.69
C LEU A 364 -28.00 19.28 20.49
N LEU A 365 -27.45 18.41 21.33
CA LEU A 365 -28.28 17.52 22.13
C LEU A 365 -28.29 17.90 23.60
N PRO A 366 -29.44 17.73 24.27
CA PRO A 366 -29.49 18.05 25.71
C PRO A 366 -28.76 16.98 26.55
N THR A 367 -28.69 17.17 27.89
CA THR A 367 -28.07 16.21 28.79
C THR A 367 -28.73 14.83 28.69
N GLY A 368 -27.89 13.80 28.68
CA GLY A 368 -28.34 12.41 28.65
C GLY A 368 -28.54 11.84 27.25
N SER A 369 -28.58 12.71 26.22
CA SER A 369 -28.80 12.22 24.85
C SER A 369 -27.49 11.90 24.20
N GLU A 370 -27.41 10.72 23.57
CA GLU A 370 -26.17 10.29 22.95
C GLU A 370 -26.00 10.85 21.56
N GLY A 371 -24.83 11.36 21.26
CA GLY A 371 -24.54 11.86 19.92
C GLY A 371 -23.06 11.81 19.59
N GLU A 372 -22.72 12.37 18.43
CA GLU A 372 -21.32 12.42 18.00
C GLU A 372 -20.56 13.59 18.67
N LEU A 373 -19.37 13.28 19.18
CA LEU A 373 -18.49 14.30 19.77
C LEU A 373 -17.82 15.04 18.59
N CYS A 374 -17.97 16.34 18.55
CA CYS A 374 -17.34 17.18 17.54
C CYS A 374 -16.50 18.21 18.30
N ILE A 375 -15.30 18.48 17.80
CA ILE A 375 -14.37 19.35 18.52
C ILE A 375 -14.00 20.56 17.70
N GLY A 376 -14.03 21.71 18.36
CA GLY A 376 -13.66 22.98 17.74
C GLY A 376 -12.52 23.65 18.50
N GLY A 377 -12.03 24.75 17.95
CA GLY A 377 -10.99 25.51 18.64
C GLY A 377 -9.61 25.49 18.04
N VAL A 378 -8.63 26.00 18.80
CA VAL A 378 -7.28 26.21 18.31
C VAL A 378 -6.42 24.97 18.08
N GLY A 379 -6.80 23.81 18.63
CA GLY A 379 -6.02 22.60 18.43
C GLY A 379 -6.26 21.85 17.13
N LEU A 380 -7.29 22.27 16.36
CA LEU A 380 -7.67 21.59 15.13
C LEU A 380 -6.58 21.53 14.09
N ALA A 381 -6.40 20.34 13.54
CA ALA A 381 -5.48 20.10 12.43
C ALA A 381 -5.95 20.90 11.21
N ARG A 382 -5.04 21.16 10.26
CA ARG A 382 -5.40 21.80 9.00
C ARG A 382 -6.26 20.81 8.15
N GLY A 383 -6.02 19.50 8.32
CA GLY A 383 -6.72 18.46 7.59
C GLY A 383 -5.85 17.25 7.38
N TYR A 384 -6.18 16.42 6.40
CA TYR A 384 -5.39 15.25 6.06
C TYR A 384 -4.60 15.54 4.80
N TRP A 385 -3.29 15.22 4.82
CA TRP A 385 -2.38 15.46 3.70
C TRP A 385 -2.87 14.80 2.42
N ASN A 386 -3.04 15.61 1.37
N ASN A 386 -3.06 15.59 1.35
CA ASN A 386 -3.48 15.16 0.06
CA ASN A 386 -3.46 15.12 0.01
C ASN A 386 -4.70 14.26 0.10
C ASN A 386 -4.81 14.37 -0.01
N ARG A 387 -5.66 14.57 1.01
CA ARG A 387 -6.94 13.88 1.09
C ARG A 387 -8.03 14.95 1.19
N PRO A 388 -8.27 15.72 0.10
CA PRO A 388 -9.23 16.83 0.20
C PRO A 388 -10.67 16.42 0.50
N ASP A 389 -11.16 15.31 -0.08
CA ASP A 389 -12.54 14.89 0.15
C ASP A 389 -12.75 14.40 1.58
N LEU A 390 -11.82 13.59 2.09
CA LEU A 390 -11.92 13.09 3.46
C LEU A 390 -11.76 14.26 4.44
N THR A 391 -10.88 15.23 4.13
CA THR A 391 -10.72 16.43 4.96
C THR A 391 -12.04 17.20 5.05
N ALA A 392 -12.71 17.40 3.92
CA ALA A 392 -13.99 18.12 3.90
C ALA A 392 -15.10 17.35 4.65
N GLU A 393 -15.03 16.02 4.67
CA GLU A 393 -16.00 15.19 5.35
C GLU A 393 -15.81 15.21 6.89
N LYS A 394 -14.57 15.29 7.34
CA LYS A 394 -14.27 15.21 8.78
C LYS A 394 -14.07 16.54 9.45
N PHE A 395 -13.52 17.51 8.75
CA PHE A 395 -13.31 18.85 9.28
C PHE A 395 -14.37 19.70 8.59
N VAL A 396 -15.55 19.77 9.22
CA VAL A 396 -16.68 20.47 8.63
C VAL A 396 -16.84 21.89 9.16
N ASP A 397 -17.67 22.73 8.50
CA ASP A 397 -17.93 24.08 8.99
C ASP A 397 -18.60 23.99 10.36
N ASN A 398 -18.12 24.77 11.33
CA ASN A 398 -18.68 24.77 12.66
C ASN A 398 -19.89 25.70 12.61
N PRO A 399 -21.13 25.17 12.65
CA PRO A 399 -22.31 26.06 12.56
C PRO A 399 -22.54 26.93 13.80
N PHE A 400 -21.91 26.58 14.92
CA PHE A 400 -22.05 27.28 16.18
C PHE A 400 -21.09 28.48 16.26
N VAL A 401 -19.94 28.41 15.55
CA VAL A 401 -18.96 29.50 15.49
C VAL A 401 -18.65 29.75 14.03
N PRO A 402 -19.50 30.52 13.33
CA PRO A 402 -19.32 30.73 11.87
C PRO A 402 -17.89 31.15 11.48
N GLY A 403 -17.39 30.59 10.39
CA GLY A 403 -16.02 30.90 9.94
C GLY A 403 -14.96 29.94 10.45
N GLU A 404 -15.32 29.08 11.44
CA GLU A 404 -14.39 28.11 11.95
C GLU A 404 -14.79 26.71 11.52
N LYS A 405 -13.87 25.74 11.65
CA LYS A 405 -14.16 24.34 11.37
C LYS A 405 -14.35 23.58 12.70
N MET A 406 -14.89 22.38 12.61
CA MET A 406 -15.02 21.46 13.73
C MET A 406 -14.76 20.05 13.19
N TYR A 407 -14.14 19.22 14.02
CA TYR A 407 -13.78 17.87 13.63
C TYR A 407 -14.79 16.88 14.16
N ARG A 408 -15.32 16.03 13.26
CA ARG A 408 -16.28 15.00 13.57
C ARG A 408 -15.45 13.78 13.96
N THR A 409 -15.47 13.44 15.25
CA THR A 409 -14.65 12.33 15.74
C THR A 409 -15.09 10.92 15.37
N GLY A 410 -16.37 10.75 15.08
CA GLY A 410 -16.92 9.41 14.93
C GLY A 410 -17.13 8.73 16.28
N ASP A 411 -16.88 9.44 17.41
CA ASP A 411 -17.09 8.89 18.75
C ASP A 411 -18.45 9.29 19.30
N LEU A 412 -19.07 8.38 20.02
CA LEU A 412 -20.37 8.55 20.67
C LEU A 412 -20.13 9.01 22.11
N ALA A 413 -20.93 9.95 22.57
CA ALA A 413 -20.79 10.49 23.91
C ALA A 413 -22.09 11.17 24.37
N LYS A 414 -22.17 11.52 25.66
CA LYS A 414 -23.31 12.24 26.19
C LYS A 414 -22.84 13.15 27.31
N TRP A 415 -23.58 14.24 27.51
CA TRP A 415 -23.32 15.12 28.62
C TRP A 415 -23.99 14.55 29.84
N LEU A 416 -23.29 14.62 30.96
CA LEU A 416 -23.83 14.30 32.28
C LEU A 416 -24.35 15.65 32.86
N THR A 417 -25.31 15.61 33.79
CA THR A 417 -25.90 16.87 34.26
C THR A 417 -24.89 17.73 35.03
N ASP A 418 -23.87 17.11 35.67
CA ASP A 418 -22.81 17.88 36.32
C ASP A 418 -21.86 18.62 35.34
N GLY A 419 -22.12 18.54 34.05
CA GLY A 419 -21.33 19.26 33.05
C GLY A 419 -20.09 18.56 32.54
N THR A 420 -19.93 17.26 32.89
CA THR A 420 -18.80 16.47 32.36
C THR A 420 -19.34 15.59 31.22
N ILE A 421 -18.45 15.08 30.39
CA ILE A 421 -18.84 14.25 29.26
C ILE A 421 -18.50 12.81 29.53
N GLU A 422 -19.40 11.88 29.18
CA GLU A 422 -19.11 10.45 29.28
C GLU A 422 -18.87 9.91 27.85
N PHE A 423 -17.78 9.20 27.65
CA PHE A 423 -17.46 8.58 26.36
C PHE A 423 -18.21 7.24 26.25
N LEU A 424 -18.88 7.00 25.12
CA LEU A 424 -19.70 5.80 24.96
C LEU A 424 -19.31 4.82 23.85
N GLY A 425 -18.27 5.11 23.10
CA GLY A 425 -17.81 4.21 22.03
C GLY A 425 -17.83 4.91 20.69
N ARG A 426 -18.09 4.16 19.61
CA ARG A 426 -18.13 4.71 18.26
C ARG A 426 -19.56 4.89 17.78
N ILE A 427 -19.83 5.91 16.97
CA ILE A 427 -21.17 6.12 16.42
C ILE A 427 -21.55 5.06 15.38
N ALA B 28 -7.05 -34.54 -18.65
CA ALA B 28 -6.01 -34.79 -19.65
C ALA B 28 -6.41 -35.78 -20.75
N LEU B 29 -7.71 -36.04 -20.90
CA LEU B 29 -8.19 -36.96 -21.92
C LEU B 29 -8.16 -36.28 -23.30
N VAL B 30 -8.63 -34.99 -23.42
CA VAL B 30 -8.55 -34.31 -24.73
C VAL B 30 -7.06 -34.08 -25.04
N PRO B 31 -6.59 -34.59 -26.18
CA PRO B 31 -5.15 -34.49 -26.45
C PRO B 31 -4.55 -33.11 -26.44
N TYR B 32 -3.37 -33.04 -25.86
CA TYR B 32 -2.52 -31.87 -25.88
C TYR B 32 -1.07 -32.34 -25.73
N ALA B 33 -0.14 -31.44 -25.95
CA ALA B 33 1.28 -31.71 -25.81
C ALA B 33 1.67 -31.86 -24.32
N GLN B 34 1.30 -33.00 -23.74
CA GLN B 34 1.65 -33.38 -22.38
C GLN B 34 3.16 -33.65 -22.37
N GLY B 35 3.78 -33.50 -21.21
CA GLY B 35 5.21 -33.74 -21.10
C GLY B 35 6.06 -32.66 -21.76
N LYS B 36 5.45 -31.55 -22.21
CA LYS B 36 6.20 -30.47 -22.84
C LYS B 36 6.07 -29.14 -22.11
N SER B 37 7.20 -28.44 -21.97
N SER B 37 7.19 -28.43 -21.98
CA SER B 37 7.22 -27.12 -21.35
CA SER B 37 7.18 -27.11 -21.37
C SER B 37 6.97 -26.04 -22.43
C SER B 37 6.88 -26.05 -22.45
N ILE B 38 6.53 -24.84 -22.04
CA ILE B 38 6.24 -23.76 -22.98
C ILE B 38 7.37 -23.49 -23.98
N HIS B 39 8.62 -23.36 -23.49
CA HIS B 39 9.75 -23.10 -24.37
C HIS B 39 10.02 -24.26 -25.32
N GLN B 40 9.73 -25.51 -24.91
CA GLN B 40 9.90 -26.65 -25.83
C GLN B 40 8.87 -26.56 -26.96
N LEU B 41 7.63 -26.13 -26.63
CA LEU B 41 6.61 -25.98 -27.67
C LEU B 41 7.01 -24.82 -28.62
N PHE B 42 7.59 -23.74 -28.07
CA PHE B 42 8.06 -22.63 -28.90
C PHE B 42 9.18 -23.12 -29.83
N GLU B 43 10.15 -23.87 -29.29
CA GLU B 43 11.30 -24.39 -30.06
C GLU B 43 10.84 -25.28 -31.21
N GLU B 44 9.75 -26.01 -31.01
CA GLU B 44 9.19 -26.85 -32.05
C GLU B 44 8.69 -25.96 -33.23
N GLN B 45 8.00 -24.86 -32.92
CA GLN B 45 7.53 -23.93 -33.94
C GLN B 45 8.68 -23.24 -34.69
N ALA B 46 9.74 -22.89 -33.97
CA ALA B 46 10.93 -22.27 -34.55
C ALA B 46 11.64 -23.27 -35.48
N GLU B 47 11.63 -24.57 -35.15
CA GLU B 47 12.24 -25.57 -36.01
C GLU B 47 11.37 -25.80 -37.27
N ALA B 48 10.04 -25.76 -37.11
CA ALA B 48 9.12 -25.97 -38.23
C ALA B 48 9.01 -24.78 -39.17
N PHE B 49 9.01 -23.57 -38.63
CA PHE B 49 8.80 -22.33 -39.40
C PHE B 49 9.90 -21.32 -39.07
N PRO B 50 11.18 -21.63 -39.37
CA PRO B 50 12.26 -20.72 -38.97
C PRO B 50 12.18 -19.34 -39.61
N ASP B 51 11.75 -19.31 -40.86
CA ASP B 51 11.73 -18.05 -41.61
C ASP B 51 10.42 -17.29 -41.52
N ARG B 52 9.39 -17.86 -40.86
CA ARG B 52 8.13 -17.14 -40.71
C ARG B 52 8.31 -16.00 -39.74
N VAL B 53 7.48 -14.96 -39.89
CA VAL B 53 7.50 -13.84 -38.96
C VAL B 53 6.97 -14.30 -37.60
N ALA B 54 7.69 -14.00 -36.54
CA ALA B 54 7.26 -14.35 -35.18
C ALA B 54 6.71 -13.11 -34.45
N ILE B 55 7.43 -11.97 -34.50
CA ILE B 55 7.03 -10.80 -33.75
C ILE B 55 7.25 -9.52 -34.53
N VAL B 56 6.33 -8.55 -34.37
CA VAL B 56 6.38 -7.27 -35.07
C VAL B 56 6.12 -6.17 -34.05
N PHE B 57 6.98 -5.15 -34.02
CA PHE B 57 6.75 -3.99 -33.18
C PHE B 57 7.22 -2.79 -33.98
N GLU B 58 6.27 -2.00 -34.45
CA GLU B 58 6.53 -0.83 -35.27
C GLU B 58 7.31 -1.24 -36.56
N ASN B 59 8.50 -0.65 -36.83
CA ASN B 59 9.25 -1.01 -38.04
C ASN B 59 10.21 -2.21 -37.86
N ARG B 60 10.20 -2.86 -36.70
CA ARG B 60 11.08 -3.99 -36.45
C ARG B 60 10.34 -5.30 -36.38
N ARG B 61 10.94 -6.35 -36.94
CA ARG B 61 10.34 -7.66 -36.89
C ARG B 61 11.38 -8.75 -36.81
N LEU B 62 11.04 -9.85 -36.12
CA LEU B 62 11.93 -10.98 -36.00
C LEU B 62 11.27 -12.23 -36.51
N SER B 63 12.04 -13.07 -37.21
CA SER B 63 11.54 -14.37 -37.63
C SER B 63 11.62 -15.31 -36.42
N TYR B 64 11.03 -16.51 -36.54
CA TYR B 64 11.07 -17.49 -35.45
C TYR B 64 12.53 -17.87 -35.15
N GLN B 65 13.33 -18.05 -36.20
CA GLN B 65 14.75 -18.39 -36.04
C GLN B 65 15.50 -17.27 -35.34
N GLU B 66 15.31 -16.02 -35.73
CA GLU B 66 15.97 -14.89 -35.10
C GLU B 66 15.57 -14.75 -33.64
N LEU B 67 14.26 -14.85 -33.35
CA LEU B 67 13.74 -14.76 -31.99
C LEU B 67 14.29 -15.87 -31.10
N ASN B 68 14.24 -17.12 -31.56
CA ASN B 68 14.76 -18.27 -30.83
C ASN B 68 16.25 -18.10 -30.50
N ARG B 69 17.08 -17.70 -31.49
CA ARG B 69 18.52 -17.49 -31.26
C ARG B 69 18.77 -16.40 -30.22
N LYS B 70 18.06 -15.26 -30.32
CA LYS B 70 18.25 -14.18 -29.37
C LYS B 70 17.87 -14.62 -27.95
N ALA B 71 16.76 -15.37 -27.82
CA ALA B 71 16.32 -15.89 -26.54
C ALA B 71 17.34 -16.92 -25.98
N ASN B 72 17.93 -17.75 -26.84
CA ASN B 72 18.95 -18.72 -26.41
C ASN B 72 20.21 -18.04 -25.85
N GLN B 73 20.67 -16.99 -26.52
CA GLN B 73 21.83 -16.21 -26.09
C GLN B 73 21.60 -15.58 -24.72
N LEU B 74 20.43 -14.94 -24.52
CA LEU B 74 20.09 -14.36 -23.23
C LEU B 74 19.90 -15.44 -22.16
N ALA B 75 19.33 -16.60 -22.53
CA ALA B 75 19.14 -17.70 -21.58
C ALA B 75 20.49 -18.19 -21.05
N ARG B 76 21.54 -18.23 -21.90
CA ARG B 76 22.89 -18.64 -21.47
C ARG B 76 23.48 -17.64 -20.48
N ALA B 77 23.24 -16.34 -20.72
CA ALA B 77 23.68 -15.27 -19.83
C ALA B 77 22.95 -15.39 -18.49
N LEU B 78 21.64 -15.69 -18.51
CA LEU B 78 20.88 -15.86 -17.29
C LEU B 78 21.41 -17.01 -16.46
N LEU B 79 21.82 -18.11 -17.12
CA LEU B 79 22.41 -19.27 -16.45
C LEU B 79 23.66 -18.88 -15.67
N GLU B 80 24.55 -18.05 -16.24
CA GLU B 80 25.75 -17.61 -15.54
C GLU B 80 25.39 -16.79 -14.31
N LYS B 81 24.31 -16.01 -14.38
CA LYS B 81 23.85 -15.16 -13.27
C LYS B 81 23.05 -15.91 -12.19
N GLY B 82 23.04 -17.25 -12.24
CA GLY B 82 22.38 -18.07 -11.23
C GLY B 82 20.93 -18.47 -11.43
N VAL B 83 20.40 -18.32 -12.65
CA VAL B 83 19.01 -18.71 -12.92
C VAL B 83 18.88 -20.21 -13.08
N GLN B 84 17.92 -20.83 -12.38
CA GLN B 84 17.64 -22.25 -12.43
C GLN B 84 16.15 -22.51 -12.09
N THR B 85 15.75 -23.79 -11.84
CA THR B 85 14.37 -24.10 -11.45
C THR B 85 13.99 -23.34 -10.18
N ASP B 86 12.79 -22.79 -10.14
CA ASP B 86 12.32 -22.01 -8.99
C ASP B 86 13.00 -20.64 -8.82
N SER B 87 13.85 -20.20 -9.79
CA SER B 87 14.37 -18.83 -9.74
C SER B 87 13.26 -17.97 -10.33
N ILE B 88 12.80 -16.95 -9.61
CA ILE B 88 11.81 -16.02 -10.12
C ILE B 88 12.60 -14.82 -10.70
N VAL B 89 12.39 -14.51 -11.99
CA VAL B 89 13.10 -13.42 -12.65
C VAL B 89 12.11 -12.31 -12.96
N GLY B 90 12.35 -11.11 -12.44
CA GLY B 90 11.48 -9.99 -12.69
C GLY B 90 11.72 -9.39 -14.06
N VAL B 91 10.66 -8.84 -14.66
CA VAL B 91 10.74 -8.18 -15.95
C VAL B 91 10.11 -6.78 -15.85
N MET B 92 10.90 -5.73 -16.04
CA MET B 92 10.40 -4.36 -16.01
C MET B 92 10.73 -3.74 -17.33
N MET B 93 9.80 -3.89 -18.27
CA MET B 93 10.03 -3.45 -19.63
C MET B 93 8.77 -2.85 -20.25
N GLU B 94 8.98 -2.00 -21.26
CA GLU B 94 7.88 -1.42 -22.02
C GLU B 94 7.41 -2.51 -23.01
N LYS B 95 6.29 -2.26 -23.77
CA LYS B 95 5.81 -3.16 -24.84
C LYS B 95 6.93 -3.16 -25.87
N SER B 96 7.54 -4.31 -26.14
CA SER B 96 8.67 -4.37 -27.05
C SER B 96 8.99 -5.80 -27.46
N ILE B 97 9.80 -5.96 -28.50
CA ILE B 97 10.34 -7.25 -28.92
C ILE B 97 11.24 -7.79 -27.78
N GLU B 98 11.98 -6.89 -27.09
CA GLU B 98 12.90 -7.25 -26.01
C GLU B 98 12.20 -7.96 -24.85
N ASN B 99 10.96 -7.55 -24.54
CA ASN B 99 10.17 -8.17 -23.50
C ASN B 99 9.87 -9.64 -23.90
N VAL B 100 9.58 -9.91 -25.19
CA VAL B 100 9.31 -11.29 -25.65
C VAL B 100 10.59 -12.09 -25.55
N ILE B 101 11.73 -11.49 -25.92
CA ILE B 101 13.03 -12.17 -25.80
C ILE B 101 13.31 -12.56 -24.35
N ALA B 102 13.10 -11.61 -23.42
CA ALA B 102 13.30 -11.82 -21.98
C ALA B 102 12.41 -12.97 -21.49
N ILE B 103 11.11 -12.97 -21.83
CA ILE B 103 10.21 -14.05 -21.38
C ILE B 103 10.69 -15.43 -21.84
N LEU B 104 11.00 -15.55 -23.13
CA LEU B 104 11.45 -16.80 -23.70
C LEU B 104 12.79 -17.25 -23.12
N ALA B 105 13.67 -16.29 -22.85
CA ALA B 105 14.99 -16.58 -22.28
C ALA B 105 14.84 -17.11 -20.87
N VAL B 106 13.96 -16.52 -20.03
CA VAL B 106 13.77 -16.99 -18.66
C VAL B 106 13.25 -18.43 -18.67
N LEU B 107 12.30 -18.74 -19.57
CA LEU B 107 11.77 -20.08 -19.69
C LEU B 107 12.87 -21.07 -20.10
N LYS B 108 13.67 -20.71 -21.12
CA LYS B 108 14.75 -21.57 -21.62
C LYS B 108 15.82 -21.82 -20.54
N ALA B 109 16.09 -20.81 -19.70
CA ALA B 109 17.05 -20.98 -18.60
C ALA B 109 16.49 -21.89 -17.46
N GLY B 110 15.20 -22.24 -17.53
CA GLY B 110 14.56 -23.09 -16.53
C GLY B 110 13.89 -22.35 -15.38
N GLY B 111 13.89 -21.02 -15.44
CA GLY B 111 13.27 -20.21 -14.40
C GLY B 111 11.83 -19.83 -14.70
N ALA B 112 11.29 -18.99 -13.85
CA ALA B 112 9.92 -18.48 -13.98
C ALA B 112 10.01 -16.96 -14.02
N TYR B 113 9.20 -16.28 -14.84
CA TYR B 113 9.28 -14.84 -14.87
C TYR B 113 8.06 -14.17 -14.19
N VAL B 114 8.28 -12.96 -13.70
CA VAL B 114 7.24 -12.17 -13.05
C VAL B 114 7.18 -10.83 -13.77
N PRO B 115 6.13 -10.59 -14.56
CA PRO B 115 6.02 -9.29 -15.23
C PRO B 115 5.72 -8.22 -14.16
N ILE B 116 6.48 -7.14 -14.18
CA ILE B 116 6.28 -6.07 -13.22
C ILE B 116 5.81 -4.85 -13.95
N ASP B 117 4.53 -4.54 -13.78
CA ASP B 117 3.89 -3.42 -14.44
C ASP B 117 4.60 -2.10 -14.10
N ILE B 118 5.35 -1.57 -15.08
CA ILE B 118 6.07 -0.31 -14.85
C ILE B 118 5.17 0.92 -14.76
N GLU B 119 3.84 0.73 -14.91
CA GLU B 119 2.89 1.83 -14.79
C GLU B 119 2.30 1.93 -13.37
N TYR B 120 2.41 0.85 -12.54
CA TYR B 120 1.91 0.81 -11.17
C TYR B 120 2.52 1.91 -10.32
N PRO B 121 1.87 2.35 -9.21
CA PRO B 121 2.56 3.30 -8.31
C PRO B 121 3.87 2.68 -7.78
N ARG B 122 4.89 3.49 -7.56
CA ARG B 122 6.21 3.04 -7.09
C ARG B 122 6.14 2.05 -5.90
N ASP B 123 5.28 2.32 -4.90
CA ASP B 123 5.16 1.45 -3.73
C ASP B 123 4.63 0.07 -4.09
N ARG B 124 3.74 -0.03 -5.11
CA ARG B 124 3.20 -1.32 -5.53
C ARG B 124 4.26 -2.13 -6.27
N ILE B 125 5.09 -1.47 -7.08
CA ILE B 125 6.21 -2.13 -7.77
C ILE B 125 7.18 -2.69 -6.70
N GLN B 126 7.46 -1.86 -5.65
CA GLN B 126 8.33 -2.27 -4.56
C GLN B 126 7.74 -3.47 -3.84
N TYR B 127 6.41 -3.44 -3.58
CA TYR B 127 5.77 -4.55 -2.88
C TYR B 127 5.94 -5.86 -3.66
N ILE B 128 5.69 -5.83 -4.98
CA ILE B 128 5.78 -7.00 -5.84
C ILE B 128 7.21 -7.51 -5.89
N LEU B 129 8.21 -6.61 -6.05
CA LEU B 129 9.62 -7.02 -6.09
C LEU B 129 10.00 -7.72 -4.77
N GLN B 130 9.62 -7.12 -3.65
N GLN B 130 9.65 -7.11 -3.63
CA GLN B 130 9.90 -7.65 -2.33
CA GLN B 130 9.96 -7.67 -2.32
C GLN B 130 9.21 -8.99 -2.11
C GLN B 130 9.22 -9.01 -2.11
N ASP B 131 7.93 -9.07 -2.45
CA ASP B 131 7.13 -10.28 -2.26
C ASP B 131 7.66 -11.43 -3.05
N SER B 132 8.00 -11.20 -4.34
CA SER B 132 8.52 -12.27 -5.21
C SER B 132 9.88 -12.76 -4.77
N GLN B 133 10.66 -11.89 -4.08
CA GLN B 133 12.03 -12.16 -3.65
C GLN B 133 12.97 -12.33 -4.83
N THR B 134 12.62 -11.77 -6.01
CA THR B 134 13.44 -11.86 -7.18
C THR B 134 14.81 -11.25 -6.95
N LYS B 135 15.84 -11.99 -7.33
CA LYS B 135 17.23 -11.56 -7.24
C LYS B 135 17.74 -10.95 -8.54
N ILE B 136 16.97 -11.07 -9.64
CA ILE B 136 17.40 -10.55 -10.92
C ILE B 136 16.22 -9.94 -11.68
N VAL B 137 16.42 -8.73 -12.18
CA VAL B 137 15.42 -7.98 -12.95
C VAL B 137 15.96 -7.66 -14.34
N LEU B 138 15.20 -8.04 -15.38
CA LEU B 138 15.54 -7.76 -16.76
C LEU B 138 14.80 -6.49 -17.15
N THR B 139 15.52 -5.52 -17.68
CA THR B 139 14.94 -4.22 -18.01
C THR B 139 15.54 -3.64 -19.33
N GLN B 140 15.26 -2.36 -19.66
CA GLN B 140 15.82 -1.62 -20.80
C GLN B 140 16.33 -0.24 -20.33
N LYS B 141 17.15 0.44 -21.16
CA LYS B 141 17.72 1.75 -20.84
C LYS B 141 16.65 2.75 -20.40
N SER B 142 15.50 2.76 -21.09
CA SER B 142 14.41 3.69 -20.80
C SER B 142 13.67 3.42 -19.46
N VAL B 143 13.80 2.20 -18.93
CA VAL B 143 13.19 1.80 -17.65
C VAL B 143 14.25 1.74 -16.50
N SER B 144 15.56 1.83 -16.83
CA SER B 144 16.65 1.76 -15.85
C SER B 144 16.53 2.75 -14.71
N GLN B 145 16.11 4.00 -15.02
CA GLN B 145 15.99 5.02 -13.99
C GLN B 145 14.90 4.63 -13.01
N LEU B 146 13.76 4.10 -13.49
CA LEU B 146 12.67 3.63 -12.63
C LEU B 146 13.18 2.52 -11.70
N VAL B 147 13.96 1.56 -12.23
CA VAL B 147 14.50 0.49 -11.40
C VAL B 147 15.40 1.06 -10.30
N HIS B 148 16.20 2.08 -10.64
CA HIS B 148 17.05 2.72 -9.66
C HIS B 148 16.20 3.48 -8.62
N ASP B 149 15.17 4.19 -9.05
CA ASP B 149 14.28 4.99 -8.20
C ASP B 149 13.49 4.18 -7.19
N VAL B 150 13.04 2.97 -7.56
CA VAL B 150 12.34 2.10 -6.60
C VAL B 150 13.31 1.46 -5.59
N GLY B 151 14.63 1.62 -5.80
CA GLY B 151 15.71 1.16 -4.94
C GLY B 151 16.00 -0.31 -4.99
N TYR B 152 15.69 -0.98 -6.12
CA TYR B 152 15.89 -2.42 -6.24
C TYR B 152 17.35 -2.82 -5.97
N SER B 153 17.59 -3.80 -5.06
CA SER B 153 18.95 -4.16 -4.66
C SER B 153 19.54 -5.42 -5.30
N GLY B 154 18.79 -6.08 -6.18
CA GLY B 154 19.29 -7.27 -6.85
C GLY B 154 20.04 -6.95 -8.13
N GLU B 155 20.30 -7.98 -8.96
CA GLU B 155 21.00 -7.74 -10.21
C GLU B 155 20.06 -7.13 -11.23
N VAL B 156 20.53 -6.11 -11.92
CA VAL B 156 19.74 -5.44 -12.94
C VAL B 156 20.42 -5.64 -14.28
N VAL B 157 19.75 -6.37 -15.20
CA VAL B 157 20.28 -6.64 -16.54
C VAL B 157 19.58 -5.73 -17.54
N VAL B 158 20.34 -4.83 -18.14
CA VAL B 158 19.80 -3.91 -19.14
C VAL B 158 19.96 -4.63 -20.48
N LEU B 159 18.85 -5.15 -21.04
CA LEU B 159 18.93 -5.97 -22.25
C LEU B 159 19.57 -5.27 -23.46
N ASP B 160 19.26 -3.98 -23.69
CA ASP B 160 19.87 -3.24 -24.80
C ASP B 160 21.30 -2.74 -24.49
N GLU B 161 21.96 -3.33 -23.48
CA GLU B 161 23.34 -3.03 -23.10
C GLU B 161 24.19 -4.32 -23.01
N GLU B 162 23.56 -5.51 -22.88
CA GLU B 162 24.25 -6.79 -22.76
C GLU B 162 24.92 -7.26 -24.07
N GLN B 163 26.19 -7.63 -23.99
CA GLN B 163 26.91 -8.11 -25.17
C GLN B 163 26.68 -9.60 -25.33
N LEU B 164 25.55 -9.95 -25.95
CA LEU B 164 25.14 -11.34 -26.16
C LEU B 164 25.43 -11.84 -27.57
N ASP B 165 26.30 -11.16 -28.34
CA ASP B 165 26.58 -11.58 -29.71
C ASP B 165 27.56 -12.75 -29.82
N ALA B 166 28.45 -12.90 -28.84
CA ALA B 166 29.40 -14.03 -28.84
C ALA B 166 28.81 -15.32 -28.23
N ARG B 167 27.63 -15.24 -27.60
CA ARG B 167 26.99 -16.39 -26.97
C ARG B 167 26.41 -17.35 -27.98
N GLU B 168 26.46 -18.65 -27.64
CA GLU B 168 25.93 -19.73 -28.46
C GLU B 168 24.42 -19.51 -28.73
N THR B 169 23.97 -19.81 -29.96
CA THR B 169 22.59 -19.59 -30.40
C THR B 169 21.71 -20.85 -30.37
N ALA B 170 22.31 -22.03 -30.15
CA ALA B 170 21.59 -23.32 -30.12
C ALA B 170 20.66 -23.41 -28.91
N ASN B 171 19.64 -24.28 -28.98
CA ASN B 171 18.74 -24.48 -27.84
C ASN B 171 19.51 -25.04 -26.63
N LEU B 172 19.15 -24.63 -25.42
CA LEU B 172 19.88 -25.02 -24.21
C LEU B 172 19.62 -26.41 -23.69
N HIS B 173 18.39 -26.91 -23.81
CA HIS B 173 18.01 -28.23 -23.27
C HIS B 173 18.21 -28.37 -21.74
N GLN B 174 17.91 -27.31 -20.96
CA GLN B 174 17.99 -27.33 -19.50
C GLN B 174 16.92 -28.29 -18.94
N PRO B 175 17.11 -28.86 -17.72
CA PRO B 175 16.06 -29.73 -17.16
C PRO B 175 14.73 -29.00 -17.01
N SER B 176 13.66 -29.61 -17.52
CA SER B 176 12.34 -29.00 -17.42
C SER B 176 11.22 -30.02 -17.43
N LYS B 177 10.17 -29.75 -16.66
CA LYS B 177 8.97 -30.57 -16.60
C LYS B 177 7.78 -29.63 -16.67
N PRO B 178 6.65 -30.08 -17.24
CA PRO B 178 5.48 -29.19 -17.33
C PRO B 178 4.94 -28.71 -15.99
N THR B 179 5.22 -29.43 -14.89
CA THR B 179 4.74 -29.01 -13.57
C THR B 179 5.67 -28.02 -12.86
N ASP B 180 6.78 -27.65 -13.49
CA ASP B 180 7.66 -26.64 -12.97
C ASP B 180 6.97 -25.29 -13.12
N LEU B 181 7.38 -24.32 -12.29
CA LEU B 181 6.85 -22.97 -12.39
C LEU B 181 7.28 -22.33 -13.71
N ALA B 182 6.36 -21.65 -14.36
CA ALA B 182 6.67 -20.96 -15.60
C ALA B 182 6.60 -19.45 -15.38
N TYR B 183 5.61 -18.97 -14.61
CA TYR B 183 5.47 -17.53 -14.37
C TYR B 183 4.60 -17.24 -13.14
N VAL B 184 4.78 -16.04 -12.58
CA VAL B 184 4.04 -15.60 -11.42
C VAL B 184 3.38 -14.29 -11.81
N ILE B 185 2.04 -14.22 -11.76
CA ILE B 185 1.30 -13.03 -12.15
C ILE B 185 0.75 -12.35 -10.91
N TYR B 186 1.08 -11.08 -10.74
CA TYR B 186 0.60 -10.31 -9.60
C TYR B 186 -0.60 -9.46 -9.97
N THR B 187 -1.46 -9.24 -8.99
CA THR B 187 -2.54 -8.29 -9.13
C THR B 187 -1.97 -6.89 -8.76
N SER B 188 -2.73 -5.82 -9.10
CA SER B 188 -2.37 -4.47 -8.65
C SER B 188 -2.69 -4.35 -7.14
N GLY B 189 -3.70 -5.10 -6.68
CA GLY B 189 -4.19 -5.18 -5.31
C GLY B 189 -5.51 -5.94 -5.24
N GLY B 192 -6.46 -4.31 -1.29
CA GLY B 192 -5.77 -5.49 -0.76
C GLY B 192 -4.31 -5.55 -1.18
N LYS B 193 -3.51 -6.42 -0.54
CA LYS B 193 -2.09 -6.53 -0.87
C LYS B 193 -1.94 -7.30 -2.18
N PRO B 194 -1.01 -6.90 -3.06
CA PRO B 194 -0.79 -7.67 -4.30
C PRO B 194 -0.42 -9.12 -4.02
N LYS B 195 -0.96 -10.06 -4.80
CA LYS B 195 -0.69 -11.47 -4.61
C LYS B 195 -0.27 -12.10 -5.94
N GLY B 196 0.71 -12.98 -5.88
CA GLY B 196 1.23 -13.58 -7.09
C GLY B 196 0.68 -14.97 -7.32
N THR B 197 -0.04 -15.15 -8.43
CA THR B 197 -0.57 -16.45 -8.83
C THR B 197 0.58 -17.23 -9.49
N MET B 198 0.85 -18.42 -9.00
CA MET B 198 1.92 -19.30 -9.46
C MET B 198 1.40 -20.20 -10.58
N LEU B 199 1.85 -19.97 -11.83
CA LEU B 199 1.40 -20.74 -13.00
C LEU B 199 2.46 -21.67 -13.55
N GLU B 200 2.10 -22.96 -13.74
CA GLU B 200 2.99 -23.96 -14.32
C GLU B 200 2.93 -23.93 -15.85
N HIS B 201 3.74 -24.76 -16.54
CA HIS B 201 3.72 -24.80 -18.00
C HIS B 201 2.43 -25.48 -18.54
N LYS B 202 1.88 -26.45 -17.78
N LYS B 202 1.89 -26.44 -17.77
CA LYS B 202 0.72 -27.28 -18.16
CA LYS B 202 0.72 -27.27 -18.06
C LYS B 202 -0.48 -26.52 -18.75
C LYS B 202 -0.46 -26.54 -18.71
N GLY B 203 -0.95 -25.45 -18.08
CA GLY B 203 -2.07 -24.67 -18.58
C GLY B 203 -1.87 -24.07 -19.96
N ILE B 204 -0.68 -23.49 -20.22
CA ILE B 204 -0.35 -22.90 -21.53
C ILE B 204 -0.22 -24.01 -22.59
N ALA B 205 0.38 -25.16 -22.23
CA ALA B 205 0.50 -26.27 -23.19
C ALA B 205 -0.89 -26.76 -23.61
N ASN B 206 -1.84 -26.84 -22.64
CA ASN B 206 -3.19 -27.28 -23.00
C ASN B 206 -3.86 -26.25 -23.91
N LEU B 207 -3.66 -24.97 -23.60
CA LEU B 207 -4.23 -23.87 -24.38
C LEU B 207 -3.73 -23.89 -25.81
N GLN B 208 -2.48 -24.35 -26.06
CA GLN B 208 -2.01 -24.47 -27.46
C GLN B 208 -2.96 -25.39 -28.27
N SER B 209 -3.32 -26.57 -27.72
CA SER B 209 -4.22 -27.47 -28.42
C SER B 209 -5.62 -26.90 -28.49
N PHE B 210 -6.08 -26.25 -27.42
CA PHE B 210 -7.39 -25.58 -27.43
C PHE B 210 -7.48 -24.57 -28.59
N PHE B 211 -6.48 -23.67 -28.74
CA PHE B 211 -6.52 -22.66 -29.82
C PHE B 211 -6.46 -23.31 -31.20
N GLN B 212 -5.66 -24.37 -31.37
CA GLN B 212 -5.59 -25.04 -32.67
C GLN B 212 -6.87 -25.76 -33.03
N ASN B 213 -7.49 -26.41 -32.03
CA ASN B 213 -8.74 -27.14 -32.24
C ASN B 213 -9.96 -26.24 -32.39
N SER B 214 -10.13 -25.27 -31.49
CA SER B 214 -11.35 -24.47 -31.40
C SER B 214 -11.33 -23.16 -32.12
N PHE B 215 -10.17 -22.53 -32.19
CA PHE B 215 -10.03 -21.26 -32.93
C PHE B 215 -9.40 -21.49 -34.32
N GLY B 216 -8.96 -22.72 -34.61
CA GLY B 216 -8.32 -23.03 -35.88
C GLY B 216 -7.05 -22.23 -36.08
N VAL B 217 -6.32 -21.90 -34.98
CA VAL B 217 -5.11 -21.11 -35.10
C VAL B 217 -4.05 -21.90 -35.91
N THR B 218 -3.48 -21.26 -36.95
CA THR B 218 -2.40 -21.84 -37.71
C THR B 218 -1.24 -20.82 -37.81
N GLU B 219 -0.09 -21.24 -38.37
CA GLU B 219 1.04 -20.36 -38.61
C GLU B 219 0.69 -19.16 -39.53
N GLN B 220 -0.43 -19.23 -40.27
CA GLN B 220 -0.85 -18.13 -41.16
C GLN B 220 -1.50 -16.97 -40.38
N ASP B 221 -2.00 -17.23 -39.16
CA ASP B 221 -2.63 -16.17 -38.37
C ASP B 221 -1.68 -15.03 -38.03
N ARG B 222 -2.25 -13.84 -37.88
CA ARG B 222 -1.56 -12.62 -37.51
C ARG B 222 -2.38 -12.10 -36.33
N ILE B 223 -1.78 -12.15 -35.15
CA ILE B 223 -2.47 -11.85 -33.93
C ILE B 223 -2.01 -10.54 -33.33
N GLY B 224 -2.96 -9.68 -33.04
CA GLY B 224 -2.68 -8.39 -32.43
C GLY B 224 -2.57 -8.52 -30.93
N LEU B 225 -1.63 -7.80 -30.32
CA LEU B 225 -1.45 -7.78 -28.86
C LEU B 225 -1.78 -6.36 -28.39
N PHE B 226 -2.96 -6.19 -27.81
CA PHE B 226 -3.47 -4.91 -27.40
C PHE B 226 -2.99 -4.48 -26.00
N ALA B 227 -3.01 -5.41 -25.06
CA ALA B 227 -2.68 -5.12 -23.67
C ALA B 227 -1.21 -5.31 -23.35
N SER B 228 -0.71 -4.63 -22.31
CA SER B 228 0.68 -4.75 -21.91
C SER B 228 1.00 -6.17 -21.49
N MET B 229 2.26 -6.62 -21.68
N MET B 229 2.27 -6.54 -21.65
CA MET B 229 2.66 -7.97 -21.30
CA MET B 229 2.82 -7.85 -21.40
C MET B 229 2.76 -8.18 -19.78
C MET B 229 2.99 -8.19 -19.90
N SER B 230 2.43 -7.17 -18.98
N SER B 230 2.50 -7.32 -19.00
CA SER B 230 2.39 -7.31 -17.53
CA SER B 230 2.49 -7.59 -17.56
C SER B 230 1.02 -7.87 -17.06
C SER B 230 1.16 -8.23 -17.10
N PHE B 231 0.14 -8.31 -17.99
CA PHE B 231 -1.17 -8.92 -17.67
C PHE B 231 -1.14 -10.37 -18.10
N ALA B 232 -1.70 -11.27 -17.28
CA ALA B 232 -1.68 -12.68 -17.58
C ALA B 232 -2.37 -13.05 -18.90
N ALA B 233 -3.46 -12.34 -19.21
CA ALA B 233 -4.19 -12.57 -20.44
C ALA B 233 -3.31 -12.21 -21.66
N SER B 234 -2.47 -11.18 -21.53
CA SER B 234 -1.59 -10.77 -22.62
C SER B 234 -0.51 -11.83 -22.91
N VAL B 235 0.00 -12.45 -21.85
CA VAL B 235 0.97 -13.53 -21.94
C VAL B 235 0.33 -14.73 -22.67
N SER B 236 -0.93 -15.02 -22.34
CA SER B 236 -1.68 -16.09 -23.00
C SER B 236 -1.83 -15.80 -24.50
N GLU B 237 -2.15 -14.54 -24.85
CA GLU B 237 -2.31 -14.12 -26.24
C GLU B 237 -1.01 -14.21 -27.00
N MET B 238 0.09 -13.85 -26.36
CA MET B 238 1.44 -13.96 -26.93
C MET B 238 1.72 -15.44 -27.29
N PHE B 239 1.39 -16.38 -26.37
CA PHE B 239 1.61 -17.79 -26.67
C PHE B 239 0.59 -18.35 -27.66
N MET B 240 -0.62 -17.74 -27.75
CA MET B 240 -1.61 -18.13 -28.78
C MET B 240 -0.97 -18.04 -30.19
N ALA B 241 -0.14 -16.99 -30.39
CA ALA B 241 0.62 -16.84 -31.61
C ALA B 241 1.90 -17.71 -31.66
N LEU B 242 2.80 -17.55 -30.66
CA LEU B 242 4.11 -18.15 -30.67
C LEU B 242 4.14 -19.67 -30.57
N LEU B 243 3.09 -20.31 -30.01
CA LEU B 243 3.09 -21.78 -29.95
C LEU B 243 2.39 -22.43 -31.15
N SER B 244 2.06 -21.64 -32.16
CA SER B 244 1.45 -22.17 -33.40
C SER B 244 2.16 -21.71 -34.68
N GLY B 245 3.27 -20.96 -34.56
CA GLY B 245 3.99 -20.49 -35.74
C GLY B 245 3.40 -19.23 -36.35
N ALA B 246 2.38 -18.66 -35.70
CA ALA B 246 1.71 -17.46 -36.17
C ALA B 246 2.56 -16.20 -35.82
N SER B 247 2.21 -15.04 -36.38
CA SER B 247 2.92 -13.82 -36.06
C SER B 247 2.19 -13.00 -34.98
N LEU B 248 2.98 -12.36 -34.13
CA LEU B 248 2.43 -11.54 -33.06
C LEU B 248 2.75 -10.08 -33.34
N TYR B 249 1.72 -9.24 -33.47
CA TYR B 249 1.92 -7.82 -33.72
C TYR B 249 1.66 -7.05 -32.45
N ILE B 250 2.71 -6.56 -31.81
CA ILE B 250 2.56 -5.80 -30.58
C ILE B 250 2.08 -4.39 -30.94
N LEU B 251 0.89 -4.04 -30.52
CA LEU B 251 0.30 -2.74 -30.85
C LEU B 251 0.89 -1.64 -29.97
N SER B 252 1.35 -0.56 -30.58
CA SER B 252 1.95 0.56 -29.85
C SER B 252 0.90 1.44 -29.17
N LYS B 253 1.34 2.26 -28.20
CA LYS B 253 0.48 3.21 -27.49
C LYS B 253 -0.15 4.21 -28.47
N GLN B 254 0.64 4.64 -29.48
CA GLN B 254 0.17 5.60 -30.47
C GLN B 254 -0.94 4.98 -31.35
N THR B 255 -0.79 3.71 -31.73
CA THR B 255 -1.80 3.03 -32.54
C THR B 255 -3.10 2.90 -31.74
N ILE B 256 -2.98 2.49 -30.48
CA ILE B 256 -4.11 2.32 -29.58
C ILE B 256 -4.84 3.63 -29.25
N HIS B 257 -4.11 4.72 -29.08
CA HIS B 257 -4.68 6.01 -28.72
C HIS B 257 -5.63 6.61 -29.78
N ASP B 258 -5.48 6.25 -31.07
CA ASP B 258 -6.32 6.79 -32.12
C ASP B 258 -7.12 5.64 -32.78
N PHE B 259 -8.48 5.65 -32.66
CA PHE B 259 -9.32 4.57 -33.20
C PHE B 259 -9.15 4.32 -34.70
N ALA B 260 -9.04 5.40 -35.49
CA ALA B 260 -8.84 5.30 -36.93
C ALA B 260 -7.45 4.69 -37.22
N ALA B 261 -6.42 5.10 -36.47
CA ALA B 261 -5.07 4.54 -36.67
C ALA B 261 -5.06 3.04 -36.31
N PHE B 262 -5.81 2.66 -35.27
CA PHE B 262 -5.94 1.27 -34.82
C PHE B 262 -6.57 0.46 -35.95
N GLU B 263 -7.68 0.97 -36.54
CA GLU B 263 -8.36 0.26 -37.63
C GLU B 263 -7.46 0.12 -38.83
N HIS B 264 -6.74 1.20 -39.17
CA HIS B 264 -5.83 1.18 -40.30
C HIS B 264 -4.70 0.19 -40.07
N TYR B 265 -4.16 0.13 -38.86
CA TYR B 265 -3.07 -0.79 -38.55
C TYR B 265 -3.53 -2.24 -38.71
N LEU B 266 -4.72 -2.56 -38.21
CA LEU B 266 -5.24 -3.93 -38.30
C LEU B 266 -5.44 -4.32 -39.77
N SER B 267 -5.96 -3.37 -40.57
CA SER B 267 -6.24 -3.61 -41.97
C SER B 267 -4.97 -3.70 -42.85
N GLU B 268 -4.05 -2.77 -42.65
CA GLU B 268 -2.80 -2.70 -43.41
C GLU B 268 -1.96 -3.96 -43.16
N ASN B 269 -1.95 -4.45 -41.90
CA ASN B 269 -1.22 -5.65 -41.55
C ASN B 269 -2.05 -6.94 -41.62
N GLU B 270 -3.31 -6.84 -42.09
CA GLU B 270 -4.20 -7.99 -42.27
C GLU B 270 -4.24 -8.92 -41.05
N LEU B 271 -4.44 -8.32 -39.87
CA LEU B 271 -4.52 -9.10 -38.64
C LEU B 271 -5.79 -9.92 -38.67
N THR B 272 -5.71 -11.15 -38.16
CA THR B 272 -6.84 -12.06 -38.20
C THR B 272 -7.44 -12.30 -36.84
N ILE B 273 -6.67 -12.14 -35.74
CA ILE B 273 -7.20 -12.40 -34.41
C ILE B 273 -6.77 -11.29 -33.46
N ILE B 274 -7.68 -10.88 -32.57
CA ILE B 274 -7.34 -9.90 -31.53
C ILE B 274 -8.26 -10.08 -30.33
N THR B 275 -7.75 -9.72 -29.15
CA THR B 275 -8.51 -9.71 -27.91
C THR B 275 -8.62 -8.27 -27.47
N LEU B 276 -9.85 -7.79 -27.26
CA LEU B 276 -10.05 -6.41 -26.87
C LEU B 276 -11.01 -6.31 -25.70
N PRO B 277 -10.87 -5.27 -24.87
CA PRO B 277 -11.91 -5.03 -23.85
C PRO B 277 -13.15 -4.45 -24.56
N PRO B 278 -14.36 -4.78 -24.08
CA PRO B 278 -15.57 -4.21 -24.69
C PRO B 278 -15.58 -2.68 -24.79
N THR B 279 -14.98 -1.98 -23.80
CA THR B 279 -14.87 -0.51 -23.77
C THR B 279 -14.13 0.06 -24.98
N TYR B 280 -13.18 -0.71 -25.53
CA TYR B 280 -12.43 -0.27 -26.69
C TYR B 280 -13.15 -0.70 -27.97
N LEU B 281 -13.69 -1.93 -28.01
CA LEU B 281 -14.41 -2.46 -29.17
C LEU B 281 -15.58 -1.59 -29.56
N THR B 282 -16.27 -1.02 -28.57
CA THR B 282 -17.44 -0.17 -28.80
C THR B 282 -17.11 1.08 -29.65
N HIS B 283 -15.82 1.52 -29.69
CA HIS B 283 -15.48 2.68 -30.54
C HIS B 283 -15.13 2.30 -31.99
N LEU B 284 -15.00 1.00 -32.29
CA LEU B 284 -14.58 0.58 -33.62
C LEU B 284 -15.75 0.37 -34.59
N THR B 285 -15.45 0.42 -35.89
CA THR B 285 -16.40 0.28 -36.99
C THR B 285 -16.13 -1.06 -37.66
N PRO B 286 -17.07 -2.01 -37.66
CA PRO B 286 -16.79 -3.32 -38.27
C PRO B 286 -16.29 -3.27 -39.72
N GLU B 287 -16.88 -2.38 -40.53
CA GLU B 287 -16.50 -2.18 -41.95
C GLU B 287 -15.07 -1.61 -42.13
N ARG B 288 -14.46 -1.11 -41.07
CA ARG B 288 -13.09 -0.60 -41.15
C ARG B 288 -12.05 -1.63 -40.65
N ILE B 289 -12.47 -2.81 -40.17
CA ILE B 289 -11.54 -3.85 -39.69
C ILE B 289 -11.94 -5.24 -40.21
N THR B 290 -12.13 -5.32 -41.53
CA THR B 290 -12.56 -6.53 -42.23
C THR B 290 -11.58 -7.73 -42.25
N SER B 291 -10.27 -7.56 -42.01
CA SER B 291 -9.36 -8.72 -42.05
C SER B 291 -9.54 -9.69 -40.85
N LEU B 292 -10.10 -9.20 -39.73
CA LEU B 292 -10.26 -10.05 -38.55
C LEU B 292 -11.21 -11.19 -38.80
N ARG B 293 -10.82 -12.41 -38.44
CA ARG B 293 -11.74 -13.54 -38.54
C ARG B 293 -12.32 -13.86 -37.14
N ILE B 294 -11.55 -13.56 -36.06
CA ILE B 294 -11.98 -13.77 -34.68
C ILE B 294 -11.78 -12.52 -33.85
N MET B 295 -12.75 -12.21 -33.00
N MET B 295 -12.74 -12.24 -32.99
CA MET B 295 -12.66 -11.12 -32.05
CA MET B 295 -12.70 -11.13 -32.07
C MET B 295 -12.98 -11.74 -30.71
C MET B 295 -13.01 -11.71 -30.70
N ILE B 296 -12.05 -11.68 -29.76
CA ILE B 296 -12.26 -12.21 -28.41
C ILE B 296 -12.38 -11.07 -27.42
N THR B 297 -13.38 -11.14 -26.53
CA THR B 297 -13.56 -10.15 -25.44
C THR B 297 -13.88 -10.89 -24.11
N ALA B 298 -13.84 -10.20 -22.97
CA ALA B 298 -14.28 -10.73 -21.68
C ALA B 298 -15.49 -9.85 -21.24
N GLY B 299 -16.71 -10.41 -21.20
CA GLY B 299 -17.91 -9.67 -20.82
C GLY B 299 -19.14 -10.48 -20.43
N SER B 300 -20.36 -9.84 -20.43
CA SER B 300 -21.65 -10.46 -20.06
C SER B 300 -22.88 -9.64 -20.59
N ALA B 301 -24.12 -9.85 -20.04
CA ALA B 301 -25.40 -9.25 -20.48
C ALA B 301 -25.37 -7.75 -20.83
N SER B 302 -24.62 -6.93 -20.07
CA SER B 302 -24.50 -5.49 -20.36
C SER B 302 -23.94 -5.23 -21.79
N SER B 303 -23.19 -6.20 -22.32
CA SER B 303 -22.57 -6.13 -23.63
C SER B 303 -23.43 -6.75 -24.74
N ALA B 304 -24.71 -7.11 -24.47
CA ALA B 304 -25.57 -7.67 -25.53
C ALA B 304 -25.65 -6.77 -26.76
N PRO B 305 -25.80 -5.42 -26.64
CA PRO B 305 -25.83 -4.58 -27.84
C PRO B 305 -24.55 -4.70 -28.67
N LEU B 306 -23.39 -4.75 -28.00
CA LEU B 306 -22.09 -4.90 -28.65
C LEU B 306 -21.93 -6.26 -29.36
N VAL B 307 -22.38 -7.34 -28.71
CA VAL B 307 -22.34 -8.68 -29.27
C VAL B 307 -23.19 -8.73 -30.55
N ASN B 308 -24.39 -8.18 -30.47
CA ASN B 308 -25.32 -8.14 -31.59
C ASN B 308 -24.78 -7.38 -32.80
N LYS B 309 -24.00 -6.34 -32.56
CA LYS B 309 -23.40 -5.55 -33.61
C LYS B 309 -22.28 -6.32 -34.34
N TRP B 310 -21.52 -7.16 -33.64
CA TRP B 310 -20.37 -7.83 -34.23
C TRP B 310 -20.52 -9.30 -34.59
N LYS B 311 -21.47 -10.05 -33.96
CA LYS B 311 -21.58 -11.51 -34.11
C LYS B 311 -21.76 -12.02 -35.54
N ASP B 312 -22.33 -11.21 -36.44
CA ASP B 312 -22.47 -11.62 -37.84
C ASP B 312 -21.39 -10.99 -38.76
N LYS B 313 -20.45 -10.23 -38.22
CA LYS B 313 -19.38 -9.61 -39.02
C LYS B 313 -18.08 -10.44 -38.97
N LEU B 314 -17.91 -11.19 -37.91
CA LEU B 314 -16.74 -12.03 -37.64
C LEU B 314 -17.15 -13.05 -36.55
N ARG B 315 -16.21 -13.89 -36.11
CA ARG B 315 -16.49 -14.85 -35.05
C ARG B 315 -16.29 -14.14 -33.72
N TYR B 316 -17.40 -13.83 -33.04
CA TYR B 316 -17.34 -13.11 -31.79
C TYR B 316 -17.27 -14.10 -30.65
N ILE B 317 -16.23 -14.00 -29.83
CA ILE B 317 -16.00 -14.91 -28.72
C ILE B 317 -16.01 -14.19 -27.40
N ASN B 318 -16.90 -14.60 -26.53
CA ASN B 318 -16.96 -14.09 -25.18
C ASN B 318 -16.16 -15.13 -24.37
N ALA B 319 -15.16 -14.69 -23.62
CA ALA B 319 -14.31 -15.59 -22.87
C ALA B 319 -14.29 -15.26 -21.39
N TYR B 320 -14.17 -16.29 -20.58
CA TYR B 320 -14.08 -16.13 -19.13
C TYR B 320 -12.94 -16.97 -18.63
N GLY B 321 -12.19 -16.45 -17.67
CA GLY B 321 -11.09 -17.20 -17.10
C GLY B 321 -10.20 -16.38 -16.22
N PRO B 322 -10.20 -16.68 -14.93
CA PRO B 322 -9.33 -15.96 -14.00
C PRO B 322 -7.87 -16.33 -14.18
N THR B 323 -6.99 -15.48 -13.66
CA THR B 323 -5.54 -15.73 -13.65
C THR B 323 -5.22 -17.07 -12.98
N GLU B 324 -6.02 -17.43 -11.95
CA GLU B 324 -5.87 -18.63 -11.17
C GLU B 324 -6.09 -19.93 -11.95
N THR B 325 -6.65 -19.85 -13.17
CA THR B 325 -6.78 -21.05 -14.01
C THR B 325 -6.14 -20.80 -15.36
N SER B 326 -4.98 -20.09 -15.36
CA SER B 326 -4.21 -19.78 -16.56
C SER B 326 -4.97 -18.91 -17.57
N CYS B 327 -5.83 -18.01 -17.10
CA CYS B 327 -6.61 -17.03 -17.88
C CYS B 327 -7.60 -17.62 -18.85
N SER B 328 -8.01 -18.85 -18.62
CA SER B 328 -8.96 -19.50 -19.48
C SER B 328 -9.79 -20.48 -18.68
N ALA B 329 -11.09 -20.54 -18.97
CA ALA B 329 -11.97 -21.50 -18.31
C ALA B 329 -13.13 -21.85 -19.26
N THR B 330 -13.87 -20.85 -19.77
CA THR B 330 -14.99 -21.07 -20.68
C THR B 330 -14.93 -20.14 -21.88
N ILE B 331 -15.57 -20.53 -22.98
CA ILE B 331 -15.72 -19.67 -24.17
C ILE B 331 -17.12 -19.84 -24.71
N TRP B 332 -17.65 -18.75 -25.26
CA TRP B 332 -18.93 -18.75 -25.93
C TRP B 332 -18.74 -18.07 -27.27
N GLU B 333 -18.89 -18.81 -28.35
CA GLU B 333 -18.81 -18.22 -29.67
C GLU B 333 -20.25 -17.85 -30.02
N ALA B 334 -20.52 -16.56 -30.22
CA ALA B 334 -21.87 -16.08 -30.54
C ALA B 334 -22.36 -16.73 -31.83
N PRO B 335 -23.46 -17.52 -31.75
CA PRO B 335 -23.91 -18.25 -32.93
C PRO B 335 -24.22 -17.38 -34.14
N SER B 336 -23.83 -17.89 -35.32
N SER B 336 -23.78 -17.84 -35.32
CA SER B 336 -24.07 -17.27 -36.60
CA SER B 336 -24.08 -17.10 -36.55
C SER B 336 -25.52 -17.55 -37.04
C SER B 336 -25.46 -17.55 -37.08
N ASN B 337 -26.05 -16.72 -37.94
CA ASN B 337 -27.37 -16.94 -38.53
C ASN B 337 -28.52 -16.96 -37.52
N GLN B 338 -28.42 -16.16 -36.44
CA GLN B 338 -29.49 -16.13 -35.43
C GLN B 338 -30.03 -14.71 -35.25
N LEU B 339 -31.16 -14.58 -34.55
CA LEU B 339 -31.71 -13.27 -34.20
C LEU B 339 -30.84 -12.69 -33.04
N SER B 340 -31.18 -11.47 -32.58
CA SER B 340 -30.40 -10.84 -31.51
C SER B 340 -30.42 -11.64 -30.23
N VAL B 341 -29.36 -11.50 -29.45
CA VAL B 341 -29.28 -12.13 -28.15
C VAL B 341 -29.64 -11.08 -27.09
N GLN B 342 -30.28 -11.54 -26.05
CA GLN B 342 -30.64 -10.73 -24.88
C GLN B 342 -29.71 -11.03 -23.67
N SER B 343 -28.93 -12.12 -23.74
N SER B 343 -28.93 -12.12 -23.74
CA SER B 343 -28.00 -12.55 -22.72
CA SER B 343 -28.00 -12.55 -22.71
C SER B 343 -26.68 -12.89 -23.39
C SER B 343 -26.68 -12.91 -23.38
N VAL B 344 -25.57 -12.71 -22.68
CA VAL B 344 -24.26 -13.02 -23.22
C VAL B 344 -23.63 -14.03 -22.29
N PRO B 345 -23.79 -15.32 -22.59
CA PRO B 345 -23.20 -16.33 -21.70
C PRO B 345 -21.68 -16.34 -21.78
N ILE B 346 -21.06 -16.90 -20.75
CA ILE B 346 -19.62 -17.17 -20.74
C ILE B 346 -19.33 -18.53 -21.43
N GLY B 347 -20.36 -19.30 -21.74
CA GLY B 347 -20.23 -20.49 -22.55
C GLY B 347 -19.97 -21.79 -21.82
N LYS B 348 -19.13 -22.62 -22.42
CA LYS B 348 -18.87 -23.94 -21.91
C LYS B 348 -17.40 -24.08 -21.54
N PRO B 349 -17.09 -24.99 -20.60
CA PRO B 349 -15.67 -25.22 -20.27
C PRO B 349 -14.84 -25.58 -21.51
N ILE B 350 -13.58 -25.14 -21.55
CA ILE B 350 -12.69 -25.54 -22.66
C ILE B 350 -12.10 -26.92 -22.31
N GLN B 351 -11.44 -27.56 -23.28
CA GLN B 351 -10.84 -28.88 -23.11
C GLN B 351 -9.98 -28.99 -21.86
N ASN B 352 -10.17 -30.09 -21.16
CA ASN B 352 -9.46 -30.49 -19.94
C ASN B 352 -9.67 -29.55 -18.75
N THR B 353 -10.71 -28.72 -18.78
CA THR B 353 -11.09 -27.80 -17.73
C THR B 353 -12.49 -28.25 -17.27
N HIS B 354 -12.75 -28.22 -15.98
CA HIS B 354 -14.04 -28.62 -15.45
C HIS B 354 -14.65 -27.47 -14.67
N ILE B 355 -15.97 -27.29 -14.79
CA ILE B 355 -16.67 -26.23 -14.09
C ILE B 355 -17.70 -26.86 -13.19
N TYR B 356 -17.78 -26.39 -11.95
CA TYR B 356 -18.77 -26.85 -10.99
C TYR B 356 -19.52 -25.63 -10.47
N ILE B 357 -20.85 -25.65 -10.49
CA ILE B 357 -21.64 -24.58 -9.92
C ILE B 357 -22.26 -25.16 -8.67
N VAL B 358 -21.81 -24.69 -7.51
CA VAL B 358 -22.19 -25.29 -6.25
C VAL B 358 -22.85 -24.33 -5.26
N ASN B 359 -23.57 -24.90 -4.30
CA ASN B 359 -24.10 -24.13 -3.20
C ASN B 359 -22.97 -23.96 -2.14
N GLU B 360 -23.28 -23.33 -1.00
CA GLU B 360 -22.28 -23.10 0.04
C GLU B 360 -21.71 -24.39 0.63
N ASP B 361 -22.43 -25.52 0.51
CA ASP B 361 -21.94 -26.81 0.98
C ASP B 361 -21.24 -27.61 -0.13
N LEU B 362 -20.85 -26.96 -1.24
CA LEU B 362 -20.19 -27.58 -2.36
C LEU B 362 -20.98 -28.72 -2.96
N GLN B 363 -22.31 -28.58 -3.00
CA GLN B 363 -23.17 -29.58 -3.63
C GLN B 363 -23.52 -29.01 -5.01
N LEU B 364 -23.44 -29.85 -6.04
CA LEU B 364 -23.72 -29.45 -7.43
C LEU B 364 -25.16 -29.00 -7.63
N LEU B 365 -25.33 -27.94 -8.41
CA LEU B 365 -26.66 -27.39 -8.66
C LEU B 365 -27.17 -27.73 -10.04
N PRO B 366 -28.47 -27.96 -10.17
CA PRO B 366 -29.02 -28.31 -11.48
C PRO B 366 -29.15 -27.05 -12.36
N THR B 367 -29.59 -27.22 -13.60
N THR B 367 -29.57 -27.21 -13.63
CA THR B 367 -29.81 -26.10 -14.51
CA THR B 367 -29.75 -26.07 -14.53
C THR B 367 -30.80 -25.08 -13.92
C THR B 367 -30.79 -25.09 -13.97
N GLY B 368 -30.47 -23.80 -14.05
CA GLY B 368 -31.34 -22.73 -13.55
C GLY B 368 -31.00 -22.27 -12.15
N SER B 369 -30.25 -23.07 -11.37
CA SER B 369 -29.96 -22.72 -9.97
C SER B 369 -28.65 -21.98 -9.88
N GLU B 370 -28.65 -20.81 -9.22
N GLU B 370 -28.65 -20.79 -9.25
CA GLU B 370 -27.46 -19.97 -9.10
CA GLU B 370 -27.43 -19.99 -9.13
C GLU B 370 -26.55 -20.40 -7.94
C GLU B 370 -26.56 -20.45 -7.97
N GLY B 371 -25.25 -20.37 -8.18
CA GLY B 371 -24.27 -20.74 -7.16
C GLY B 371 -22.88 -20.26 -7.52
N GLU B 372 -21.89 -20.68 -6.74
CA GLU B 372 -20.52 -20.29 -6.97
C GLU B 372 -19.85 -21.13 -8.06
N LEU B 373 -19.27 -20.44 -9.02
CA LEU B 373 -18.54 -21.11 -10.08
C LEU B 373 -17.16 -21.53 -9.53
N CYS B 374 -16.87 -22.81 -9.63
CA CYS B 374 -15.59 -23.39 -9.22
C CYS B 374 -14.96 -24.03 -10.44
N ILE B 375 -13.62 -23.95 -10.54
CA ILE B 375 -12.94 -24.48 -11.72
C ILE B 375 -11.92 -25.52 -11.34
N GLY B 376 -11.90 -26.60 -12.09
CA GLY B 376 -10.89 -27.65 -11.93
C GLY B 376 -10.20 -27.94 -13.26
N GLY B 377 -9.24 -28.85 -13.22
CA GLY B 377 -8.53 -29.22 -14.44
C GLY B 377 -7.11 -28.74 -14.61
N VAL B 378 -6.57 -28.94 -15.81
N VAL B 378 -6.59 -28.94 -15.81
CA VAL B 378 -5.16 -28.70 -16.12
CA VAL B 378 -5.21 -28.69 -16.19
C VAL B 378 -4.69 -27.23 -16.12
C VAL B 378 -4.72 -27.24 -16.03
N GLY B 379 -5.60 -26.27 -16.17
CA GLY B 379 -5.21 -24.86 -16.11
C GLY B 379 -4.91 -24.30 -14.73
N LEU B 380 -5.28 -25.04 -13.67
CA LEU B 380 -5.14 -24.56 -12.31
C LEU B 380 -3.74 -24.14 -11.88
N ALA B 381 -3.66 -22.98 -11.24
CA ALA B 381 -2.42 -22.50 -10.66
C ALA B 381 -2.03 -23.41 -9.50
N ARG B 382 -0.75 -23.40 -9.15
CA ARG B 382 -0.24 -24.07 -7.97
C ARG B 382 -0.81 -23.37 -6.69
N GLY B 383 -1.06 -22.06 -6.78
CA GLY B 383 -1.58 -21.30 -5.65
C GLY B 383 -1.04 -19.88 -5.67
N TYR B 384 -1.00 -19.23 -4.49
CA TYR B 384 -0.50 -17.86 -4.39
C TYR B 384 0.85 -17.88 -3.69
N TRP B 385 1.86 -17.25 -4.32
CA TRP B 385 3.24 -17.17 -3.84
C TRP B 385 3.31 -16.72 -2.38
N ASN B 386 3.85 -17.61 -1.52
CA ASN B 386 4.01 -17.42 -0.08
C ASN B 386 2.75 -16.89 0.62
N ARG B 387 1.57 -17.40 0.21
CA ARG B 387 0.32 -17.07 0.88
C ARG B 387 -0.36 -18.41 1.18
N PRO B 388 0.18 -19.18 2.13
CA PRO B 388 -0.37 -20.52 2.37
C PRO B 388 -1.83 -20.56 2.78
N ASP B 389 -2.28 -19.68 3.68
CA ASP B 389 -3.66 -19.70 4.15
C ASP B 389 -4.65 -19.26 3.07
N LEU B 390 -4.29 -18.22 2.31
CA LEU B 390 -5.16 -17.76 1.23
C LEU B 390 -5.27 -18.81 0.13
N THR B 391 -4.15 -19.50 -0.16
CA THR B 391 -4.12 -20.58 -1.13
C THR B 391 -5.06 -21.71 -0.67
N ALA B 392 -5.00 -22.12 0.61
CA ALA B 392 -5.89 -23.20 1.10
C ALA B 392 -7.37 -22.81 1.02
N GLU B 393 -7.66 -21.53 1.24
CA GLU B 393 -9.00 -20.98 1.22
C GLU B 393 -9.60 -20.95 -0.20
N LYS B 394 -8.79 -20.62 -1.22
CA LYS B 394 -9.27 -20.51 -2.60
C LYS B 394 -9.04 -21.72 -3.49
N PHE B 395 -7.99 -22.50 -3.25
CA PHE B 395 -7.67 -23.71 -4.01
C PHE B 395 -7.94 -24.84 -3.06
N VAL B 396 -9.21 -25.29 -3.05
CA VAL B 396 -9.70 -26.30 -2.12
C VAL B 396 -9.70 -27.70 -2.72
N ASP B 397 -9.85 -28.75 -1.91
CA ASP B 397 -9.95 -30.11 -2.42
C ASP B 397 -11.17 -30.23 -3.33
N ASN B 398 -11.00 -30.86 -4.47
CA ASN B 398 -12.07 -31.03 -5.43
C ASN B 398 -12.84 -32.24 -4.91
N PRO B 399 -14.05 -32.03 -4.36
CA PRO B 399 -14.80 -33.17 -3.80
C PRO B 399 -15.29 -34.17 -4.84
N PHE B 400 -15.33 -33.74 -6.10
CA PHE B 400 -15.82 -34.49 -7.25
C PHE B 400 -14.74 -35.34 -7.92
N VAL B 401 -13.47 -34.93 -7.79
CA VAL B 401 -12.33 -35.64 -8.37
C VAL B 401 -11.31 -35.82 -7.27
N PRO B 402 -11.39 -36.93 -6.52
CA PRO B 402 -10.45 -37.14 -5.41
C PRO B 402 -8.98 -36.99 -5.77
N GLY B 403 -8.23 -36.30 -4.92
CA GLY B 403 -6.81 -36.05 -5.17
C GLY B 403 -6.51 -34.81 -6.00
N GLU B 404 -7.55 -34.09 -6.47
CA GLU B 404 -7.34 -32.88 -7.24
C GLU B 404 -7.82 -31.65 -6.43
N LYS B 405 -7.50 -30.46 -6.90
CA LYS B 405 -7.93 -29.21 -6.27
C LYS B 405 -8.92 -28.53 -7.23
N MET B 406 -9.67 -27.57 -6.73
CA MET B 406 -10.52 -26.72 -7.54
C MET B 406 -10.43 -25.30 -6.99
N TYR B 407 -10.56 -24.32 -7.86
CA TYR B 407 -10.46 -22.92 -7.46
C TYR B 407 -11.85 -22.31 -7.31
N ARG B 408 -12.13 -21.74 -6.13
CA ARG B 408 -13.38 -21.05 -5.83
C ARG B 408 -13.24 -19.61 -6.36
N THR B 409 -13.99 -19.27 -7.41
CA THR B 409 -13.86 -17.97 -8.08
C THR B 409 -14.45 -16.78 -7.34
N GLY B 410 -15.45 -17.02 -6.49
CA GLY B 410 -16.16 -15.93 -5.85
C GLY B 410 -17.23 -15.36 -6.77
N ASP B 411 -17.39 -15.92 -7.99
CA ASP B 411 -18.38 -15.50 -8.97
C ASP B 411 -19.63 -16.36 -8.88
N LEU B 412 -20.78 -15.71 -9.07
CA LEU B 412 -22.10 -16.29 -9.10
C LEU B 412 -22.41 -16.65 -10.54
N ALA B 413 -22.98 -17.84 -10.75
CA ALA B 413 -23.27 -18.31 -12.11
C ALA B 413 -24.36 -19.37 -12.10
N LYS B 414 -24.93 -19.67 -13.28
CA LYS B 414 -25.90 -20.74 -13.38
C LYS B 414 -25.75 -21.44 -14.73
N TRP B 415 -26.10 -22.72 -14.75
CA TRP B 415 -26.13 -23.48 -15.98
C TRP B 415 -27.43 -23.16 -16.70
N LEU B 416 -27.36 -23.04 -17.99
CA LEU B 416 -28.54 -22.87 -18.84
C LEU B 416 -28.88 -24.27 -19.43
N THR B 417 -30.13 -24.47 -19.83
CA THR B 417 -30.56 -25.78 -20.30
C THR B 417 -29.87 -26.24 -21.60
N ASP B 418 -29.21 -25.32 -22.32
CA ASP B 418 -28.44 -25.71 -23.51
C ASP B 418 -27.01 -26.19 -23.19
N GLY B 419 -26.62 -26.16 -21.92
CA GLY B 419 -25.27 -26.55 -21.52
C GLY B 419 -24.29 -25.40 -21.38
N THR B 420 -24.75 -24.15 -21.59
CA THR B 420 -23.87 -23.00 -21.45
C THR B 420 -24.04 -22.38 -20.06
N ILE B 421 -23.10 -21.54 -19.62
CA ILE B 421 -23.12 -20.94 -18.31
C ILE B 421 -23.36 -19.44 -18.44
N GLU B 422 -24.18 -18.91 -17.55
CA GLU B 422 -24.43 -17.49 -17.51
C GLU B 422 -23.77 -16.95 -16.24
N PHE B 423 -22.87 -15.98 -16.40
CA PHE B 423 -22.17 -15.31 -15.32
C PHE B 423 -23.17 -14.31 -14.73
N LEU B 424 -23.36 -14.34 -13.40
CA LEU B 424 -24.34 -13.48 -12.74
C LEU B 424 -23.80 -12.47 -11.71
N GLY B 425 -22.50 -12.25 -11.65
CA GLY B 425 -21.93 -11.31 -10.68
C GLY B 425 -21.09 -11.98 -9.62
N ARG B 426 -21.00 -11.38 -8.42
CA ARG B 426 -20.21 -11.92 -7.31
C ARG B 426 -21.12 -12.58 -6.28
N ILE B 427 -20.67 -13.68 -5.63
CA ILE B 427 -21.49 -14.35 -4.63
C ILE B 427 -21.66 -13.51 -3.36
S SO4 C . -9.72 11.97 -1.08
O1 SO4 C . -9.87 13.20 -1.82
O2 SO4 C . -9.87 12.19 0.38
O3 SO4 C . -10.76 10.99 -1.47
O4 SO4 C . -8.39 11.40 -1.35
C1 BTB D . 6.09 31.29 33.14
O1 BTB D . 4.92 30.46 33.14
C2 BTB D . 6.91 31.30 31.84
C3 BTB D . 5.91 31.88 30.83
O3 BTB D . 5.58 33.25 31.01
C4 BTB D . 7.13 29.81 31.53
O4 BTB D . 8.46 29.31 31.55
N BTB D . 8.21 32.11 31.82
C5 BTB D . 8.79 32.38 33.13
C6 BTB D . 9.91 31.47 33.58
O6 BTB D . 11.13 31.84 32.97
C7 BTB D . 8.38 33.23 30.88
C8 BTB D . 9.80 33.77 30.67
O8 BTB D . 10.56 32.96 29.78
CL CL E . 12.28 35.30 17.08
S SO4 F . -1.36 -16.18 4.37
O1 SO4 F . -0.25 -15.32 4.02
O2 SO4 F . -2.22 -15.59 5.40
O3 SO4 F . -2.18 -16.40 3.16
O4 SO4 F . -0.80 -17.43 4.85
C1 BTB G . -23.89 -29.31 -18.19
O1 BTB G . -23.74 -29.53 -19.59
C2 BTB G . -24.83 -30.31 -17.51
C3 BTB G . -24.13 -31.67 -17.70
O3 BTB G . -24.71 -32.71 -16.94
C4 BTB G . -26.18 -30.50 -18.23
O4 BTB G . -26.70 -29.37 -18.94
N BTB G . -24.94 -30.00 -16.04
C5 BTB G . -25.77 -28.83 -15.73
C6 BTB G . -26.36 -28.83 -14.33
O6 BTB G . -27.06 -30.04 -14.10
C7 BTB G . -23.70 -29.93 -15.24
C8 BTB G . -23.47 -31.15 -14.36
O8 BTB G . -24.54 -31.32 -13.44
#